data_7QXR
#
_entry.id   7QXR
#
_cell.length_a   51.284
_cell.length_b   87.549
_cell.length_c   102.693
_cell.angle_alpha   90.000
_cell.angle_beta   93.460
_cell.angle_gamma   90.000
#
_symmetry.space_group_name_H-M   'P 1 21 1'
#
loop_
_entity.id
_entity.type
_entity.pdbx_description
1 polymer 'Fragment transplantation onto a hyperstable ancestor of haloalkane dehalogenases and Renilla luciferase (Anc-FT)'
2 non-polymer 3-(4-hydroxyphenyl)-8-[(4-hydroxyphenyl)methyl]-5-(phenylmethyl)-1$l^{4},4,7,8-tetrazabicyclo[4.3.0]nona-1(6),2,4-trien-9-one
3 water water
#
_entity_poly.entity_id   1
_entity_poly.type   'polypeptide(L)'
_entity_poly.pdbx_seq_one_letter_code
;TATGDEWWAKCKQVDVLDSEMSYYDSDPGKHKNTVIFLHGNPTSSYLWRNVIPHVEPLARCLAPDLIGMGKSGKLPNHSY
RFVDHYRYLSAWFDSVNLPEKVTIVCHDWGSGLGFHWCNEHRDRVKGIVHMESVVDVIESWDEWPDIEEDIALIKSEAGE
EMVLKKNFFIERLLPSSIMRKLSEEEMDAYREPFVEPGESRRPTLTWPREIPIKGDGPEDVIEIVKSYNKWLSTSKDIPK
LFINADPGFFSNAIKKVTKNWPNQKTVTVKGLHFLQEDSPEEIGEAIADFLNELT
;
_entity_poly.pdbx_strand_id   A,B,C
#
# COMPACT_ATOMS: atom_id res chain seq x y z
N THR A 1 18.37 41.69 -8.64
CA THR A 1 18.55 41.82 -7.20
C THR A 1 18.22 40.53 -6.46
N ALA A 2 16.95 40.34 -6.07
CA ALA A 2 16.56 39.23 -5.19
C ALA A 2 16.92 37.88 -5.80
N THR A 3 17.62 37.05 -5.02
CA THR A 3 18.09 35.77 -5.51
C THR A 3 17.00 34.71 -5.38
N GLY A 4 17.27 33.55 -5.97
CA GLY A 4 16.33 32.44 -5.86
C GLY A 4 16.07 32.03 -4.42
N ASP A 5 17.14 31.90 -3.64
CA ASP A 5 16.98 31.59 -2.22
C ASP A 5 16.18 32.68 -1.51
N GLU A 6 16.50 33.94 -1.79
CA GLU A 6 15.76 35.04 -1.17
C GLU A 6 14.27 34.96 -1.52
N TRP A 7 13.94 34.66 -2.77
CA TRP A 7 12.53 34.64 -3.14
C TRP A 7 11.81 33.45 -2.53
N TRP A 8 12.38 32.25 -2.67
CA TRP A 8 11.67 31.07 -2.21
C TRP A 8 11.62 30.97 -0.70
N ALA A 9 12.48 31.70 0.02
CA ALA A 9 12.37 31.74 1.48
C ALA A 9 11.19 32.57 1.94
N LYS A 10 10.67 33.43 1.08
CA LYS A 10 9.40 34.11 1.32
C LYS A 10 8.18 33.28 0.96
N CYS A 11 8.36 32.10 0.38
CA CYS A 11 7.23 31.30 -0.11
C CYS A 11 6.86 30.21 0.88
N LYS A 12 5.62 29.74 0.77
CA LYS A 12 5.10 28.63 1.57
C LYS A 12 4.99 27.38 0.71
N GLN A 13 4.74 26.23 1.37
CA GLN A 13 4.43 24.99 0.67
C GLN A 13 3.14 24.39 1.23
N VAL A 14 2.38 23.73 0.36
CA VAL A 14 1.13 23.09 0.77
C VAL A 14 1.02 21.75 0.04
N ASP A 15 0.59 20.71 0.76
CA ASP A 15 0.36 19.43 0.12
C ASP A 15 -0.76 19.58 -0.90
N VAL A 16 -0.59 18.93 -2.06
CA VAL A 16 -1.58 18.99 -3.13
C VAL A 16 -1.71 17.59 -3.69
N LEU A 17 -2.84 16.93 -3.43
CA LEU A 17 -3.03 15.54 -3.86
C LEU A 17 -1.84 14.77 -3.31
N ASP A 18 -1.18 13.91 -4.11
CA ASP A 18 0.02 13.15 -3.76
C ASP A 18 1.28 14.00 -3.67
N SER A 19 1.23 15.29 -3.99
CA SER A 19 2.46 16.05 -4.13
C SER A 19 2.41 17.29 -3.24
N GLU A 20 3.14 18.33 -3.62
CA GLU A 20 3.10 19.60 -2.90
C GLU A 20 3.48 20.71 -3.86
N MET A 21 2.94 21.90 -3.63
CA MET A 21 3.20 23.06 -4.45
C MET A 21 3.73 24.18 -3.58
N SER A 22 4.69 24.94 -4.11
CA SER A 22 5.24 26.07 -3.41
C SER A 22 4.56 27.33 -3.94
N TYR A 23 4.46 28.34 -3.10
CA TYR A 23 3.74 29.55 -3.51
C TYR A 23 4.09 30.70 -2.61
N TYR A 24 4.09 31.88 -3.19
CA TYR A 24 4.18 33.12 -2.44
C TYR A 24 2.81 33.47 -1.89
N ASP A 25 2.76 33.96 -0.65
CA ASP A 25 1.51 34.46 -0.08
C ASP A 25 1.87 35.69 0.73
N SER A 26 1.21 36.81 0.45
CA SER A 26 1.58 38.04 1.11
C SER A 26 1.16 37.99 2.58
N ASP A 27 1.84 38.80 3.38
CA ASP A 27 1.72 38.66 4.82
C ASP A 27 0.26 38.77 5.24
N PRO A 28 -0.20 37.90 6.12
CA PRO A 28 -1.61 37.96 6.54
C PRO A 28 -1.96 39.34 7.13
N GLY A 29 -3.15 39.82 6.81
CA GLY A 29 -3.59 41.09 7.35
C GLY A 29 -4.95 41.45 6.82
N LYS A 30 -5.40 42.66 7.15
CA LYS A 30 -6.65 43.16 6.61
C LYS A 30 -6.47 43.53 5.14
N HIS A 31 -7.41 43.10 4.30
CA HIS A 31 -7.27 43.30 2.87
C HIS A 31 -8.63 43.13 2.23
N LYS A 32 -8.84 43.85 1.12
CA LYS A 32 -10.11 43.88 0.42
C LYS A 32 -10.09 43.08 -0.87
N ASN A 33 -8.90 42.69 -1.35
CA ASN A 33 -8.74 42.01 -2.62
C ASN A 33 -7.74 40.88 -2.47
N THR A 34 -7.96 39.81 -3.23
CA THR A 34 -7.04 38.68 -3.32
C THR A 34 -6.70 38.46 -4.78
N VAL A 35 -5.40 38.51 -5.10
CA VAL A 35 -4.92 38.42 -6.48
C VAL A 35 -4.01 37.20 -6.60
N ILE A 36 -4.31 36.33 -7.58
CA ILE A 36 -3.50 35.15 -7.86
C ILE A 36 -2.72 35.38 -9.16
N PHE A 37 -1.40 35.19 -9.09
CA PHE A 37 -0.48 35.35 -10.22
C PHE A 37 -0.07 33.99 -10.78
N LEU A 38 -0.36 33.74 -12.07
CA LEU A 38 -0.01 32.50 -12.75
C LEU A 38 1.03 32.74 -13.86
N HIS A 39 2.23 32.21 -13.67
CA HIS A 39 3.32 32.16 -14.66
C HIS A 39 3.08 31.02 -15.66
N GLY A 40 3.91 31.00 -16.70
CA GLY A 40 3.84 29.93 -17.68
C GLY A 40 5.20 29.27 -17.90
N ASN A 41 5.48 28.97 -19.16
CA ASN A 41 6.63 28.15 -19.50
C ASN A 41 7.75 29.04 -20.03
N PRO A 42 9.00 28.89 -19.54
CA PRO A 42 9.47 27.93 -18.53
C PRO A 42 9.78 28.55 -17.18
N THR A 43 8.93 29.46 -16.71
CA THR A 43 9.28 30.25 -15.53
C THR A 43 8.68 29.64 -14.26
N SER A 44 8.41 30.49 -13.26
CA SER A 44 7.88 30.09 -11.96
C SER A 44 7.31 31.34 -11.31
N SER A 45 6.93 31.23 -10.02
CA SER A 45 6.48 32.41 -9.26
C SER A 45 7.56 33.47 -9.18
N TYR A 46 8.82 33.10 -9.39
CA TYR A 46 9.89 34.07 -9.42
C TYR A 46 9.64 35.16 -10.47
N LEU A 47 8.85 34.84 -11.51
CA LEU A 47 8.60 35.79 -12.61
C LEU A 47 7.85 37.03 -12.15
N TRP A 48 7.10 36.94 -11.05
CA TRP A 48 6.29 38.03 -10.54
C TRP A 48 6.94 38.81 -9.40
N ARG A 49 8.22 38.53 -9.09
CA ARG A 49 8.80 39.05 -7.85
C ARG A 49 8.84 40.58 -7.82
N ASN A 50 9.04 41.22 -8.97
CA ASN A 50 9.11 42.69 -9.03
C ASN A 50 7.77 43.32 -9.39
N VAL A 51 6.80 42.53 -9.85
CA VAL A 51 5.45 43.06 -10.08
C VAL A 51 4.67 43.10 -8.78
N ILE A 52 4.79 42.05 -7.96
CA ILE A 52 3.91 41.90 -6.79
C ILE A 52 4.01 43.05 -5.80
N PRO A 53 5.19 43.61 -5.48
CA PRO A 53 5.22 44.68 -4.45
C PRO A 53 4.40 45.91 -4.80
N HIS A 54 4.03 46.11 -6.07
CA HIS A 54 3.18 47.24 -6.40
C HIS A 54 1.71 46.94 -6.18
N VAL A 55 1.35 45.68 -5.99
CA VAL A 55 -0.03 45.29 -5.80
C VAL A 55 -0.32 44.96 -4.33
N GLU A 56 0.69 44.51 -3.59
CA GLU A 56 0.51 44.17 -2.17
C GLU A 56 -0.12 45.25 -1.32
N PRO A 57 0.21 46.54 -1.46
CA PRO A 57 -0.49 47.56 -0.65
C PRO A 57 -1.99 47.41 -0.65
N LEU A 58 -2.58 46.91 -1.74
CA LEU A 58 -4.04 46.86 -1.86
C LEU A 58 -4.60 45.44 -2.06
N ALA A 59 -3.79 44.40 -1.90
CA ALA A 59 -4.31 43.06 -2.16
C ALA A 59 -3.44 42.01 -1.50
N ARG A 60 -4.08 40.92 -1.06
CA ARG A 60 -3.34 39.70 -0.76
C ARG A 60 -2.93 39.07 -2.09
N CYS A 61 -1.62 38.86 -2.24
CA CYS A 61 -1.03 38.39 -3.48
C CYS A 61 -0.53 36.95 -3.29
N LEU A 62 -1.09 36.02 -4.06
CA LEU A 62 -0.61 34.64 -4.12
C LEU A 62 0.04 34.36 -5.48
N ALA A 63 1.16 33.64 -5.48
CA ALA A 63 1.77 33.19 -6.74
C ALA A 63 2.31 31.77 -6.58
N PRO A 64 1.61 30.79 -7.11
CA PRO A 64 2.09 29.41 -7.01
C PRO A 64 3.08 29.05 -8.11
N ASP A 65 3.99 28.16 -7.75
CA ASP A 65 4.75 27.43 -8.76
C ASP A 65 3.89 26.29 -9.29
N LEU A 66 3.67 26.25 -10.61
CA LEU A 66 2.94 25.13 -11.20
C LEU A 66 3.66 23.81 -10.91
N ILE A 67 2.92 22.71 -11.02
CA ILE A 67 3.48 21.41 -10.63
C ILE A 67 4.67 21.09 -11.54
N GLY A 68 5.72 20.52 -10.95
CA GLY A 68 6.91 20.25 -11.71
C GLY A 68 7.80 21.45 -11.98
N MET A 69 7.41 22.64 -11.53
CA MET A 69 8.16 23.84 -11.83
C MET A 69 8.47 24.59 -10.55
N GLY A 70 9.34 25.59 -10.66
CA GLY A 70 9.76 26.31 -9.47
C GLY A 70 10.20 25.34 -8.38
N LYS A 71 9.63 25.51 -7.18
CA LYS A 71 9.89 24.65 -6.03
C LYS A 71 8.76 23.67 -5.75
N SER A 72 7.78 23.55 -6.64
CA SER A 72 6.75 22.53 -6.49
C SER A 72 7.26 21.14 -6.83
N GLY A 73 6.51 20.13 -6.41
CA GLY A 73 6.98 18.75 -6.53
C GLY A 73 7.08 18.29 -7.97
N LYS A 74 7.98 17.33 -8.21
CA LYS A 74 8.07 16.66 -9.52
C LYS A 74 7.14 15.45 -9.53
N LEU A 75 6.45 15.21 -10.68
CA LEU A 75 5.51 14.08 -10.71
C LEU A 75 6.23 12.84 -11.22
N PRO A 76 6.10 11.70 -10.52
CA PRO A 76 6.88 10.50 -10.91
C PRO A 76 6.53 9.94 -12.28
N ASN A 77 5.26 9.98 -12.70
CA ASN A 77 4.90 9.54 -14.04
C ASN A 77 5.28 10.53 -15.11
N HIS A 78 5.88 11.66 -14.76
CA HIS A 78 6.41 12.63 -15.72
C HIS A 78 5.34 13.14 -16.68
N SER A 79 4.08 13.09 -16.30
CA SER A 79 2.99 13.48 -17.17
C SER A 79 2.57 14.89 -16.75
N TYR A 80 2.93 15.89 -17.56
CA TYR A 80 2.60 17.27 -17.26
C TYR A 80 1.79 17.91 -18.37
N ARG A 81 0.72 17.25 -18.81
CA ARG A 81 -0.13 17.87 -19.81
C ARG A 81 -0.95 18.97 -19.16
N PHE A 82 -1.54 19.83 -20.00
CA PHE A 82 -2.45 20.86 -19.49
C PHE A 82 -3.40 20.30 -18.44
N VAL A 83 -4.02 19.14 -18.72
CA VAL A 83 -5.04 18.65 -17.81
C VAL A 83 -4.42 18.21 -16.49
N ASP A 84 -3.16 17.77 -16.49
CA ASP A 84 -2.51 17.41 -15.23
C ASP A 84 -2.24 18.65 -14.41
N HIS A 85 -1.75 19.71 -15.06
CA HIS A 85 -1.46 20.97 -14.38
C HIS A 85 -2.72 21.52 -13.76
N TYR A 86 -3.84 21.41 -14.45
CA TYR A 86 -5.09 21.95 -13.94
C TYR A 86 -5.56 21.16 -12.74
N ARG A 87 -5.34 19.85 -12.75
CA ARG A 87 -5.70 19.01 -11.61
C ARG A 87 -5.01 19.50 -10.34
N TYR A 88 -3.69 19.69 -10.41
CA TYR A 88 -2.95 20.11 -9.22
C TYR A 88 -3.20 21.57 -8.88
N LEU A 89 -3.34 22.44 -9.91
CA LEU A 89 -3.58 23.85 -9.64
C LEU A 89 -4.97 24.07 -9.05
N SER A 90 -5.97 23.31 -9.52
CA SER A 90 -7.31 23.42 -8.98
C SER A 90 -7.33 23.01 -7.52
N ALA A 91 -6.66 21.89 -7.20
CA ALA A 91 -6.54 21.48 -5.80
C ALA A 91 -5.82 22.54 -4.98
N TRP A 92 -4.78 23.15 -5.57
CA TRP A 92 -4.10 24.26 -4.90
C TRP A 92 -5.04 25.43 -4.62
N PHE A 93 -5.87 25.79 -5.61
CA PHE A 93 -6.84 26.86 -5.39
C PHE A 93 -7.70 26.56 -4.18
N ASP A 94 -8.05 25.30 -3.99
CA ASP A 94 -8.94 24.88 -2.90
C ASP A 94 -8.25 24.86 -1.54
N SER A 95 -6.93 25.09 -1.48
CA SER A 95 -6.18 24.87 -0.24
C SER A 95 -5.52 26.12 0.33
N VAL A 96 -5.83 27.32 -0.17
CA VAL A 96 -5.09 28.48 0.31
C VAL A 96 -5.98 29.59 0.82
N ASN A 97 -7.18 29.24 1.33
CA ASN A 97 -8.06 30.18 2.03
C ASN A 97 -8.58 31.28 1.12
N LEU A 98 -8.96 30.93 -0.12
CA LEU A 98 -9.40 31.98 -1.03
C LEU A 98 -10.75 32.51 -0.60
N PRO A 99 -10.97 33.83 -0.70
CA PRO A 99 -12.33 34.37 -0.52
C PRO A 99 -13.20 33.98 -1.69
N GLU A 100 -14.41 34.53 -1.76
CA GLU A 100 -15.33 34.11 -2.81
C GLU A 100 -14.96 34.68 -4.16
N LYS A 101 -14.39 35.88 -4.21
CA LYS A 101 -14.08 36.57 -5.46
C LYS A 101 -12.60 36.87 -5.53
N VAL A 102 -11.94 36.36 -6.56
CA VAL A 102 -10.52 36.63 -6.77
C VAL A 102 -10.33 37.27 -8.13
N THR A 103 -9.22 37.99 -8.24
CA THR A 103 -8.71 38.51 -9.51
C THR A 103 -7.53 37.63 -9.93
N ILE A 104 -7.54 37.17 -11.18
CA ILE A 104 -6.47 36.37 -11.75
C ILE A 104 -5.55 37.27 -12.58
N VAL A 105 -4.25 37.18 -12.34
CA VAL A 105 -3.24 37.81 -13.16
C VAL A 105 -2.45 36.68 -13.83
N CYS A 106 -2.50 36.60 -15.14
CA CYS A 106 -1.88 35.41 -15.76
C CYS A 106 -1.04 35.71 -17.00
N HIS A 107 -0.23 34.75 -17.35
CA HIS A 107 0.77 34.92 -18.39
C HIS A 107 1.03 33.57 -19.05
N ASP A 108 1.11 33.57 -20.38
CA ASP A 108 1.54 32.39 -21.17
C ASP A 108 0.63 31.22 -20.79
N TRP A 109 1.17 30.05 -20.50
CA TRP A 109 0.33 28.91 -20.17
C TRP A 109 -0.39 29.09 -18.84
N GLY A 110 0.14 29.92 -17.93
CA GLY A 110 -0.64 30.29 -16.76
C GLY A 110 -1.97 30.91 -17.13
N SER A 111 -2.03 31.66 -18.25
CA SER A 111 -3.28 32.22 -18.70
C SER A 111 -4.21 31.14 -19.23
N GLY A 112 -3.66 30.13 -19.90
CA GLY A 112 -4.49 28.99 -20.28
C GLY A 112 -5.09 28.31 -19.07
N LEU A 113 -4.28 28.10 -18.02
CA LEU A 113 -4.80 27.48 -16.79
C LEU A 113 -5.81 28.40 -16.09
N GLY A 114 -5.49 29.69 -16.01
CA GLY A 114 -6.39 30.64 -15.36
C GLY A 114 -7.67 30.90 -16.11
N PHE A 115 -7.59 31.09 -17.44
CA PHE A 115 -8.82 31.29 -18.22
C PHE A 115 -9.76 30.11 -18.04
N HIS A 116 -9.24 28.89 -18.11
CA HIS A 116 -10.05 27.70 -17.91
C HIS A 116 -10.64 27.65 -16.50
N TRP A 117 -9.84 27.99 -15.48
CA TRP A 117 -10.35 28.03 -14.12
C TRP A 117 -11.46 29.08 -13.99
N CYS A 118 -11.31 30.22 -14.65
CA CYS A 118 -12.33 31.25 -14.59
C CYS A 118 -13.61 30.78 -15.29
N ASN A 119 -13.47 30.21 -16.49
CA ASN A 119 -14.60 29.67 -17.22
C ASN A 119 -15.33 28.57 -16.44
N GLU A 120 -14.63 27.86 -15.56
CA GLU A 120 -15.28 26.77 -14.79
C GLU A 120 -15.76 27.24 -13.42
N HIS A 121 -15.43 28.45 -13.03
CA HIS A 121 -15.82 28.98 -11.73
C HIS A 121 -16.23 30.43 -11.91
N ARG A 122 -17.15 30.67 -12.86
CA ARG A 122 -17.38 32.04 -13.32
C ARG A 122 -17.83 32.94 -12.18
N ASP A 123 -18.50 32.36 -11.18
CA ASP A 123 -18.97 33.12 -10.03
C ASP A 123 -17.84 33.56 -9.10
N ARG A 124 -16.63 33.06 -9.27
CA ARG A 124 -15.52 33.39 -8.37
C ARG A 124 -14.65 34.52 -8.91
N VAL A 125 -14.98 35.06 -10.07
CA VAL A 125 -14.04 35.91 -10.80
C VAL A 125 -14.42 37.38 -10.59
N LYS A 126 -13.54 38.12 -9.95
CA LYS A 126 -13.68 39.57 -9.86
C LYS A 126 -13.08 40.29 -11.06
N GLY A 127 -11.98 39.77 -11.60
CA GLY A 127 -11.34 40.37 -12.76
C GLY A 127 -10.23 39.50 -13.28
N ILE A 128 -9.84 39.76 -14.54
CA ILE A 128 -8.75 39.02 -15.16
C ILE A 128 -7.81 40.02 -15.81
N VAL A 129 -6.55 39.98 -15.39
CA VAL A 129 -5.44 40.67 -16.04
C VAL A 129 -4.59 39.62 -16.74
N HIS A 130 -4.38 39.80 -18.04
CA HIS A 130 -3.65 38.81 -18.82
C HIS A 130 -2.68 39.52 -19.76
N MET A 131 -1.68 38.76 -20.20
CA MET A 131 -0.57 39.27 -21.00
C MET A 131 0.09 38.09 -21.70
N GLU A 132 0.38 38.24 -23.00
CA GLU A 132 1.04 37.20 -23.77
C GLU A 132 0.35 35.86 -23.54
N SER A 133 -0.97 35.88 -23.65
CA SER A 133 -1.86 34.86 -23.11
C SER A 133 -2.42 33.96 -24.20
N VAL A 134 -2.93 32.82 -23.77
CA VAL A 134 -3.51 31.79 -24.68
C VAL A 134 -4.97 32.17 -24.85
N VAL A 135 -5.24 33.10 -25.77
CA VAL A 135 -6.61 33.63 -25.81
C VAL A 135 -7.48 32.89 -26.82
N ASP A 136 -6.89 32.09 -27.70
CA ASP A 136 -7.71 31.44 -28.71
C ASP A 136 -6.92 30.28 -29.31
N VAL A 137 -7.65 29.40 -29.99
CA VAL A 137 -7.03 28.40 -30.86
C VAL A 137 -6.31 29.11 -32.02
N ILE A 138 -5.21 28.53 -32.47
CA ILE A 138 -4.47 29.09 -33.61
C ILE A 138 -5.06 28.44 -34.86
N GLU A 139 -5.91 29.19 -35.58
CA GLU A 139 -6.58 28.62 -36.74
C GLU A 139 -5.86 28.89 -38.05
N SER A 140 -5.16 30.02 -38.17
CA SER A 140 -4.37 30.29 -39.36
C SER A 140 -3.06 30.93 -38.94
N TRP A 141 -1.93 30.32 -39.33
CA TRP A 141 -0.63 30.78 -38.87
C TRP A 141 -0.32 32.21 -39.28
N ASP A 142 -1.02 32.75 -40.27
CA ASP A 142 -0.71 34.10 -40.75
C ASP A 142 -1.13 35.19 -39.78
N GLU A 143 -1.99 34.88 -38.81
CA GLU A 143 -2.37 35.86 -37.81
C GLU A 143 -1.59 35.70 -36.52
N TRP A 144 -0.48 34.97 -36.53
CA TRP A 144 0.25 34.60 -35.33
C TRP A 144 1.74 34.61 -35.62
N PRO A 145 2.58 34.67 -34.59
CA PRO A 145 4.02 34.56 -34.83
C PRO A 145 4.32 33.24 -35.55
N ASP A 146 5.24 33.30 -36.51
CA ASP A 146 5.54 32.17 -37.37
C ASP A 146 6.44 31.18 -36.63
N ILE A 147 5.82 30.35 -35.78
CA ILE A 147 6.51 29.27 -35.08
C ILE A 147 6.01 27.89 -35.52
N GLU A 148 5.27 27.82 -36.63
CA GLU A 148 4.73 26.54 -37.08
C GLU A 148 5.81 25.47 -37.17
N GLU A 149 6.92 25.79 -37.82
CA GLU A 149 8.00 24.83 -38.01
C GLU A 149 8.71 24.51 -36.69
N ASP A 150 8.88 25.51 -35.83
CA ASP A 150 9.48 25.25 -34.52
C ASP A 150 8.63 24.29 -33.69
N ILE A 151 7.30 24.44 -33.75
CA ILE A 151 6.40 23.55 -33.02
C ILE A 151 6.49 22.14 -33.58
N ALA A 152 6.51 22.02 -34.91
CA ALA A 152 6.71 20.71 -35.54
C ALA A 152 8.02 20.09 -35.06
N LEU A 153 9.09 20.88 -35.04
CA LEU A 153 10.36 20.36 -34.54
C LEU A 153 10.23 19.96 -33.06
N ILE A 154 9.62 20.81 -32.24
CA ILE A 154 9.61 20.52 -30.81
C ILE A 154 8.71 19.32 -30.52
N LYS A 155 7.70 19.07 -31.36
CA LYS A 155 6.89 17.87 -31.22
C LYS A 155 7.65 16.62 -31.67
N SER A 156 8.72 16.79 -32.44
CA SER A 156 9.54 15.68 -32.92
C SER A 156 10.45 15.15 -31.81
N GLU A 157 10.90 13.91 -32.02
CA GLU A 157 11.91 13.28 -31.17
C GLU A 157 13.11 14.18 -30.92
N ALA A 158 13.37 15.13 -31.81
CA ALA A 158 14.39 16.13 -31.49
C ALA A 158 13.97 17.00 -30.31
N GLY A 159 12.68 17.01 -29.96
CA GLY A 159 12.24 17.77 -28.80
C GLY A 159 12.86 17.25 -27.52
N GLU A 160 12.82 15.92 -27.33
CA GLU A 160 13.43 15.34 -26.13
C GLU A 160 14.88 15.79 -25.99
N GLU A 161 15.64 15.75 -27.09
CA GLU A 161 17.05 16.09 -27.05
C GLU A 161 17.26 17.58 -26.80
N MET A 162 16.49 18.43 -27.48
CA MET A 162 16.63 19.87 -27.31
C MET A 162 16.37 20.31 -25.88
N VAL A 163 15.34 19.74 -25.26
CA VAL A 163 14.89 20.14 -23.92
C VAL A 163 15.52 19.30 -22.81
N LEU A 164 15.21 18.01 -22.78
CA LEU A 164 15.69 17.18 -21.67
C LEU A 164 17.21 17.22 -21.55
N LYS A 165 17.93 17.13 -22.68
CA LYS A 165 19.40 17.13 -22.65
C LYS A 165 20.00 18.54 -22.74
N LYS A 166 19.49 19.40 -23.61
CA LYS A 166 20.13 20.69 -23.83
C LYS A 166 19.38 21.85 -23.18
N ASN A 167 18.24 21.61 -22.55
CA ASN A 167 17.51 22.64 -21.82
C ASN A 167 17.28 23.88 -22.69
N PHE A 168 16.81 23.63 -23.90
CA PHE A 168 16.64 24.68 -24.91
C PHE A 168 15.77 25.84 -24.42
N PHE A 169 14.67 25.53 -23.70
CA PHE A 169 13.72 26.58 -23.33
C PHE A 169 14.34 27.57 -22.35
N ILE A 170 15.09 27.06 -21.36
CA ILE A 170 15.72 27.91 -20.36
C ILE A 170 16.93 28.64 -20.94
N GLU A 171 17.76 27.94 -21.71
CA GLU A 171 19.07 28.46 -22.07
C GLU A 171 19.05 29.31 -23.33
N ARG A 172 18.12 29.05 -24.25
CA ARG A 172 18.01 29.80 -25.49
C ARG A 172 16.74 30.64 -25.57
N LEU A 173 15.56 30.03 -25.45
CA LEU A 173 14.32 30.79 -25.65
C LEU A 173 14.13 31.88 -24.60
N LEU A 174 14.27 31.53 -23.32
CA LEU A 174 14.04 32.49 -22.23
C LEU A 174 14.89 33.77 -22.36
N PRO A 175 16.21 33.72 -22.54
CA PRO A 175 16.97 34.99 -22.66
C PRO A 175 16.68 35.73 -23.95
N SER A 176 16.26 35.01 -25.00
CA SER A 176 15.96 35.63 -26.28
C SER A 176 14.68 36.46 -26.25
N SER A 177 13.81 36.28 -25.25
CA SER A 177 12.57 37.07 -25.21
C SER A 177 12.52 37.97 -23.98
N ILE A 178 13.70 38.36 -23.49
CA ILE A 178 13.87 39.38 -22.46
C ILE A 178 14.77 40.47 -23.06
N MET A 179 14.28 41.71 -23.07
CA MET A 179 15.04 42.77 -23.74
C MET A 179 16.36 43.06 -23.02
N ARG A 180 16.33 43.19 -21.69
CA ARG A 180 17.53 43.42 -20.91
C ARG A 180 18.29 42.09 -20.71
N LYS A 181 19.46 42.15 -20.06
CA LYS A 181 20.18 40.93 -19.73
C LYS A 181 20.00 40.62 -18.25
N LEU A 182 19.55 39.41 -17.97
CA LEU A 182 19.41 38.97 -16.60
C LEU A 182 20.77 38.82 -15.93
N SER A 183 20.88 39.34 -14.71
CA SER A 183 22.01 39.01 -13.85
C SER A 183 22.12 37.50 -13.71
N GLU A 184 23.33 37.03 -13.34
CA GLU A 184 23.50 35.58 -13.19
C GLU A 184 22.66 35.03 -12.03
N GLU A 185 22.46 35.81 -10.97
CA GLU A 185 21.57 35.39 -9.90
C GLU A 185 20.15 35.21 -10.41
N GLU A 186 19.69 36.13 -11.25
CA GLU A 186 18.35 36.01 -11.81
C GLU A 186 18.25 34.79 -12.71
N MET A 187 19.24 34.60 -13.59
CA MET A 187 19.18 33.46 -14.49
C MET A 187 19.30 32.13 -13.74
N ASP A 188 20.09 32.09 -12.65
CA ASP A 188 20.17 30.86 -11.86
C ASP A 188 18.85 30.52 -11.18
N ALA A 189 18.06 31.52 -10.79
CA ALA A 189 16.75 31.26 -10.23
C ALA A 189 15.86 30.50 -11.23
N TYR A 190 15.91 30.92 -12.50
CA TYR A 190 15.17 30.23 -13.54
C TYR A 190 15.77 28.87 -13.86
N ARG A 191 17.09 28.73 -13.70
CA ARG A 191 17.72 27.44 -13.96
C ARG A 191 17.39 26.43 -12.86
N GLU A 192 17.37 26.87 -11.60
CA GLU A 192 17.33 25.98 -10.42
C GLU A 192 16.37 24.80 -10.55
N PRO A 193 15.11 24.97 -10.97
CA PRO A 193 14.21 23.80 -11.07
C PRO A 193 14.66 22.76 -12.08
N PHE A 194 15.53 23.11 -13.04
CA PHE A 194 15.84 22.24 -14.17
C PHE A 194 17.34 21.95 -14.33
N VAL A 195 18.12 22.07 -13.25
CA VAL A 195 19.56 21.88 -13.37
C VAL A 195 19.90 20.43 -13.70
N GLU A 196 19.13 19.47 -13.18
CA GLU A 196 19.42 18.06 -13.45
C GLU A 196 18.91 17.69 -14.86
N PRO A 197 19.77 17.17 -15.73
CA PRO A 197 19.33 16.80 -17.08
C PRO A 197 18.33 15.65 -17.04
N GLY A 198 17.53 15.56 -18.11
CA GLY A 198 16.53 14.51 -18.18
C GLY A 198 15.14 14.97 -17.77
N GLU A 199 14.40 14.08 -17.09
CA GLU A 199 12.95 14.24 -16.89
C GLU A 199 12.58 15.39 -15.96
N SER A 200 13.52 15.94 -15.19
CA SER A 200 13.20 17.16 -14.45
C SER A 200 12.79 18.29 -15.38
N ARG A 201 13.28 18.30 -16.62
CA ARG A 201 12.93 19.32 -17.60
C ARG A 201 11.65 19.00 -18.38
N ARG A 202 10.99 17.88 -18.05
CA ARG A 202 9.84 17.47 -18.86
C ARG A 202 8.75 18.53 -18.99
N PRO A 203 8.44 19.36 -17.97
CA PRO A 203 7.36 20.34 -18.20
C PRO A 203 7.69 21.36 -19.28
N THR A 204 8.95 21.78 -19.40
CA THR A 204 9.25 22.79 -20.40
C THR A 204 9.17 22.23 -21.81
N LEU A 205 9.11 20.91 -21.96
CA LEU A 205 8.89 20.27 -23.24
C LEU A 205 7.42 19.96 -23.50
N THR A 206 6.70 19.46 -22.48
CA THR A 206 5.29 19.15 -22.67
C THR A 206 4.47 20.40 -22.96
N TRP A 207 4.80 21.51 -22.30
CA TRP A 207 4.04 22.74 -22.49
C TRP A 207 3.94 23.18 -23.95
N PRO A 208 5.02 23.25 -24.74
CA PRO A 208 4.85 23.67 -26.14
C PRO A 208 4.17 22.61 -26.98
N ARG A 209 4.30 21.33 -26.61
CA ARG A 209 3.54 20.30 -27.32
C ARG A 209 2.04 20.42 -27.12
N GLU A 210 1.57 21.24 -26.19
CA GLU A 210 0.13 21.36 -25.94
C GLU A 210 -0.50 22.48 -26.76
N ILE A 211 0.29 23.20 -27.55
CA ILE A 211 -0.19 24.46 -28.13
C ILE A 211 -1.42 24.18 -29.00
N PRO A 212 -2.52 24.92 -28.82
CA PRO A 212 -3.78 24.51 -29.47
C PRO A 212 -3.83 25.00 -30.90
N ILE A 213 -3.34 24.20 -31.84
CA ILE A 213 -3.40 24.53 -33.26
C ILE A 213 -4.59 23.80 -33.85
N LYS A 214 -5.49 24.54 -34.49
CA LYS A 214 -6.63 23.92 -35.15
C LYS A 214 -6.13 22.84 -36.11
N GLY A 215 -6.72 21.65 -35.99
CA GLY A 215 -6.36 20.54 -36.84
C GLY A 215 -5.02 19.91 -36.56
N ASP A 216 -4.22 20.48 -35.65
CA ASP A 216 -2.92 19.94 -35.32
C ASP A 216 -2.61 19.91 -33.82
N GLY A 217 -3.60 20.15 -32.96
CA GLY A 217 -3.33 20.26 -31.55
C GLY A 217 -3.97 19.12 -30.80
N PRO A 218 -3.61 18.95 -29.53
CA PRO A 218 -4.35 17.97 -28.72
C PRO A 218 -5.79 18.43 -28.61
N GLU A 219 -6.72 17.50 -28.80
CA GLU A 219 -8.08 17.98 -28.92
C GLU A 219 -8.71 18.31 -27.57
N ASP A 220 -8.20 17.75 -26.46
CA ASP A 220 -8.70 18.16 -25.15
C ASP A 220 -8.33 19.61 -24.87
N VAL A 221 -7.13 20.02 -25.30
CA VAL A 221 -6.73 21.41 -25.11
C VAL A 221 -7.55 22.33 -25.99
N ILE A 222 -7.74 21.95 -27.26
CA ILE A 222 -8.49 22.79 -28.19
C ILE A 222 -9.90 23.03 -27.67
N GLU A 223 -10.56 21.95 -27.22
CA GLU A 223 -11.92 22.08 -26.70
C GLU A 223 -11.96 23.02 -25.50
N ILE A 224 -10.97 22.94 -24.62
CA ILE A 224 -10.93 23.83 -23.46
C ILE A 224 -10.75 25.29 -23.90
N VAL A 225 -9.75 25.55 -24.75
CA VAL A 225 -9.48 26.91 -25.21
C VAL A 225 -10.69 27.48 -25.95
N LYS A 226 -11.30 26.68 -26.83
CA LYS A 226 -12.49 27.14 -27.55
C LYS A 226 -13.57 27.55 -26.56
N SER A 227 -13.80 26.74 -25.54
CA SER A 227 -14.87 27.03 -24.60
C SER A 227 -14.57 28.29 -23.77
N TYR A 228 -13.34 28.44 -23.29
CA TYR A 228 -13.05 29.68 -22.53
C TYR A 228 -12.96 30.87 -23.49
N ASN A 229 -12.58 30.67 -24.73
CA ASN A 229 -12.58 31.82 -25.65
C ASN A 229 -14.00 32.29 -25.93
N LYS A 230 -14.92 31.36 -26.17
CA LYS A 230 -16.32 31.74 -26.38
C LYS A 230 -16.80 32.58 -25.20
N TRP A 231 -16.66 32.04 -23.98
CA TRP A 231 -17.11 32.74 -22.77
C TRP A 231 -16.46 34.11 -22.63
N LEU A 232 -15.13 34.17 -22.79
CA LEU A 232 -14.44 35.44 -22.68
C LEU A 232 -14.93 36.44 -23.72
N SER A 233 -15.31 35.97 -24.90
CA SER A 233 -15.67 36.91 -25.96
C SER A 233 -16.94 37.69 -25.65
N THR A 234 -17.67 37.31 -24.61
CA THR A 234 -18.88 38.04 -24.27
C THR A 234 -18.98 38.28 -22.77
N SER A 235 -17.83 38.30 -22.08
CA SER A 235 -17.82 38.38 -20.61
C SER A 235 -18.03 39.83 -20.16
N LYS A 236 -19.25 40.32 -20.39
CA LYS A 236 -19.58 41.72 -20.12
C LYS A 236 -19.32 42.09 -18.65
N ASP A 237 -19.65 41.22 -17.72
CA ASP A 237 -19.52 41.53 -16.31
C ASP A 237 -18.15 41.18 -15.72
N ILE A 238 -17.20 40.77 -16.55
CA ILE A 238 -15.86 40.46 -16.06
C ILE A 238 -14.93 41.58 -16.51
N PRO A 239 -14.57 42.52 -15.64
CA PRO A 239 -13.58 43.51 -16.05
C PRO A 239 -12.26 42.82 -16.35
N LYS A 240 -11.65 43.23 -17.47
CA LYS A 240 -10.47 42.57 -17.98
C LYS A 240 -9.41 43.61 -18.32
N LEU A 241 -8.15 43.26 -18.07
CA LEU A 241 -7.02 44.14 -18.38
C LEU A 241 -6.03 43.36 -19.23
N PHE A 242 -5.92 43.75 -20.49
CA PHE A 242 -4.94 43.16 -21.39
C PHE A 242 -3.71 44.06 -21.36
N ILE A 243 -2.61 43.56 -20.82
CA ILE A 243 -1.37 44.29 -20.85
C ILE A 243 -0.63 43.88 -22.12
N ASN A 244 -0.63 44.78 -23.09
CA ASN A 244 -0.02 44.55 -24.38
C ASN A 244 1.46 44.83 -24.30
N ALA A 245 2.29 43.90 -24.82
CA ALA A 245 3.73 44.09 -24.87
C ALA A 245 4.17 44.68 -26.22
N ASP A 246 5.13 45.58 -26.18
CA ASP A 246 5.67 46.19 -27.39
C ASP A 246 7.18 45.97 -27.46
N PRO A 247 7.69 45.18 -28.42
CA PRO A 247 6.95 44.63 -29.55
C PRO A 247 6.19 43.37 -29.19
N GLY A 248 6.49 42.80 -28.03
CA GLY A 248 5.81 41.58 -27.64
C GLY A 248 6.20 40.41 -28.52
N PHE A 249 5.44 39.33 -28.36
CA PHE A 249 5.59 38.13 -29.16
C PHE A 249 4.22 37.74 -29.71
N PHE A 250 3.32 37.29 -28.83
CA PHE A 250 1.92 37.06 -29.20
C PHE A 250 1.06 38.32 -29.08
N SER A 251 1.59 39.39 -28.49
CA SER A 251 0.77 40.56 -28.15
C SER A 251 0.02 41.11 -29.37
N ASN A 252 0.69 41.19 -30.53
CA ASN A 252 0.01 41.71 -31.71
C ASN A 252 -1.18 40.82 -32.07
N ALA A 253 -0.98 39.49 -32.08
CA ALA A 253 -2.06 38.57 -32.43
C ALA A 253 -3.20 38.62 -31.43
N ILE A 254 -2.87 38.84 -30.14
CA ILE A 254 -3.88 38.85 -29.08
C ILE A 254 -4.74 40.10 -29.20
N LYS A 255 -4.11 41.22 -29.54
CA LYS A 255 -4.86 42.45 -29.80
C LYS A 255 -5.98 42.19 -30.80
N LYS A 256 -5.67 41.47 -31.89
CA LYS A 256 -6.66 41.20 -32.92
C LYS A 256 -7.73 40.22 -32.44
N VAL A 257 -7.33 39.20 -31.67
CA VAL A 257 -8.29 38.21 -31.16
C VAL A 257 -9.31 38.88 -30.25
N THR A 258 -8.87 39.79 -29.39
CA THR A 258 -9.71 40.36 -28.35
C THR A 258 -10.24 41.75 -28.68
N LYS A 259 -10.10 42.21 -29.93
CA LYS A 259 -10.49 43.58 -30.27
C LYS A 259 -11.96 43.87 -29.96
N ASN A 260 -12.84 42.88 -30.09
CA ASN A 260 -14.27 43.04 -29.79
C ASN A 260 -14.70 42.39 -28.47
N TRP A 261 -13.76 41.98 -27.62
CA TRP A 261 -14.14 41.53 -26.29
C TRP A 261 -14.72 42.70 -25.49
N PRO A 262 -15.82 42.49 -24.77
CA PRO A 262 -16.37 43.56 -23.92
C PRO A 262 -15.59 43.73 -22.63
N ASN A 263 -15.56 44.96 -22.13
CA ASN A 263 -15.07 45.22 -20.78
C ASN A 263 -13.61 44.74 -20.67
N GLN A 264 -12.80 45.11 -21.67
CA GLN A 264 -11.36 44.94 -21.60
C GLN A 264 -10.68 46.29 -21.79
N LYS A 265 -9.83 46.66 -20.84
CA LYS A 265 -8.91 47.78 -21.00
C LYS A 265 -7.55 47.29 -21.46
N THR A 266 -6.87 48.08 -22.28
CA THR A 266 -5.54 47.72 -22.74
C THR A 266 -4.55 48.80 -22.29
N VAL A 267 -3.49 48.37 -21.63
CA VAL A 267 -2.34 49.22 -21.31
C VAL A 267 -1.12 48.59 -21.98
N THR A 268 -0.24 49.43 -22.53
CA THR A 268 0.92 48.97 -23.28
C THR A 268 2.20 49.22 -22.49
N VAL A 269 3.11 48.24 -22.47
CA VAL A 269 4.41 48.40 -21.82
C VAL A 269 5.48 47.84 -22.74
N LYS A 270 6.73 48.19 -22.45
CA LYS A 270 7.83 47.72 -23.27
C LYS A 270 8.15 46.29 -22.87
N GLY A 271 8.39 45.45 -23.86
CA GLY A 271 8.87 44.11 -23.58
C GLY A 271 8.65 43.19 -24.75
N LEU A 272 9.29 42.03 -24.65
CA LEU A 272 9.12 40.91 -25.57
C LEU A 272 8.13 39.92 -24.95
N HIS A 273 8.40 38.61 -24.92
CA HIS A 273 7.39 37.72 -24.34
C HIS A 273 7.41 37.75 -22.82
N PHE A 274 8.60 37.83 -22.21
CA PHE A 274 8.74 37.88 -20.76
C PHE A 274 8.73 39.31 -20.27
N LEU A 275 7.65 40.02 -20.62
CA LEU A 275 7.57 41.45 -20.34
C LEU A 275 7.78 41.78 -18.86
N GLN A 276 7.44 40.87 -17.93
CA GLN A 276 7.65 41.15 -16.51
C GLN A 276 9.10 41.46 -16.18
N GLU A 277 10.06 40.92 -16.92
CA GLU A 277 11.44 41.25 -16.61
C GLU A 277 11.85 42.60 -17.19
N ASP A 278 11.08 43.17 -18.10
CA ASP A 278 11.46 44.44 -18.70
C ASP A 278 10.68 45.63 -18.16
N SER A 279 9.39 45.44 -17.81
CA SER A 279 8.54 46.52 -17.30
C SER A 279 7.78 46.14 -16.03
N PRO A 280 8.46 45.58 -15.01
CA PRO A 280 7.69 45.13 -13.83
C PRO A 280 6.96 46.26 -13.13
N GLU A 281 7.61 47.42 -12.97
CA GLU A 281 6.96 48.53 -12.30
C GLU A 281 5.74 49.04 -13.07
N GLU A 282 5.84 49.16 -14.39
CA GLU A 282 4.67 49.54 -15.17
C GLU A 282 3.57 48.49 -15.08
N ILE A 283 3.96 47.20 -15.04
CA ILE A 283 2.95 46.16 -15.00
C ILE A 283 2.25 46.15 -13.65
N GLY A 284 3.01 46.31 -12.56
CA GLY A 284 2.41 46.34 -11.23
C GLY A 284 1.51 47.54 -11.02
N GLU A 285 1.95 48.72 -11.45
CA GLU A 285 1.11 49.91 -11.31
C GLU A 285 -0.19 49.77 -12.10
N ALA A 286 -0.14 49.17 -13.29
CA ALA A 286 -1.36 48.99 -14.06
C ALA A 286 -2.34 48.09 -13.33
N ILE A 287 -1.85 47.00 -12.75
CA ILE A 287 -2.70 46.10 -11.97
C ILE A 287 -3.25 46.84 -10.76
N ALA A 288 -2.42 47.64 -10.08
CA ALA A 288 -2.89 48.44 -8.96
C ALA A 288 -4.03 49.35 -9.39
N ASP A 289 -3.82 50.16 -10.43
CA ASP A 289 -4.87 51.03 -10.95
C ASP A 289 -6.11 50.22 -11.32
N PHE A 290 -5.93 49.05 -11.95
CA PHE A 290 -7.08 48.24 -12.34
C PHE A 290 -7.89 47.82 -11.11
N LEU A 291 -7.22 47.39 -10.02
CA LEU A 291 -7.93 47.03 -8.80
C LEU A 291 -8.58 48.26 -8.16
N ASN A 292 -7.89 49.41 -8.19
CA ASN A 292 -8.47 50.63 -7.63
C ASN A 292 -9.77 51.01 -8.34
N GLU A 293 -9.83 50.85 -9.67
CA GLU A 293 -11.06 51.16 -10.38
C GLU A 293 -12.18 50.16 -10.09
N LEU A 294 -11.82 48.97 -9.63
CA LEU A 294 -12.81 47.94 -9.31
C LEU A 294 -13.70 48.31 -8.12
N THR A 295 -13.39 49.40 -7.42
CA THR A 295 -14.08 49.72 -6.17
C THR A 295 -14.41 51.21 -6.11
N ALA B 2 -24.03 2.99 -6.68
CA ALA B 2 -23.92 1.93 -5.68
C ALA B 2 -22.96 2.31 -4.56
N THR B 3 -23.47 2.44 -3.33
CA THR B 3 -22.63 2.76 -2.19
C THR B 3 -22.02 1.49 -1.59
N GLY B 4 -21.14 1.69 -0.61
CA GLY B 4 -20.44 0.56 0.00
C GLY B 4 -21.40 -0.42 0.64
N ASP B 5 -22.35 0.09 1.43
CA ASP B 5 -23.41 -0.78 1.94
C ASP B 5 -24.09 -1.51 0.79
N GLU B 6 -24.52 -0.77 -0.23
CA GLU B 6 -25.20 -1.38 -1.37
C GLU B 6 -24.31 -2.39 -2.08
N TRP B 7 -23.03 -2.04 -2.31
CA TRP B 7 -22.09 -2.97 -2.93
C TRP B 7 -21.94 -4.26 -2.12
N TRP B 8 -21.55 -4.15 -0.84
CA TRP B 8 -21.29 -5.39 -0.12
C TRP B 8 -22.57 -6.17 0.13
N ALA B 9 -23.72 -5.49 0.14
CA ALA B 9 -25.02 -6.17 0.25
C ALA B 9 -25.18 -7.26 -0.80
N LYS B 10 -24.45 -7.16 -1.91
CA LYS B 10 -24.51 -8.14 -2.99
C LYS B 10 -23.39 -9.17 -2.92
N CYS B 11 -22.52 -9.09 -1.92
CA CYS B 11 -21.38 -9.98 -1.80
C CYS B 11 -21.62 -11.11 -0.80
N LYS B 12 -21.08 -12.29 -1.12
CA LYS B 12 -21.07 -13.48 -0.28
C LYS B 12 -19.93 -13.41 0.76
N GLN B 13 -19.95 -14.37 1.68
CA GLN B 13 -18.87 -14.62 2.63
C GLN B 13 -18.55 -16.11 2.63
N VAL B 14 -17.27 -16.44 2.64
CA VAL B 14 -16.84 -17.83 2.68
C VAL B 14 -15.66 -17.96 3.65
N ASP B 15 -15.74 -18.94 4.55
CA ASP B 15 -14.65 -19.24 5.46
C ASP B 15 -13.40 -19.66 4.68
N VAL B 16 -12.26 -19.07 5.02
CA VAL B 16 -10.99 -19.33 4.34
C VAL B 16 -9.92 -19.51 5.40
N LEU B 17 -9.35 -20.71 5.47
CA LEU B 17 -8.41 -21.07 6.56
C LEU B 17 -9.07 -20.65 7.88
N ASP B 18 -8.38 -19.86 8.73
CA ASP B 18 -8.85 -19.44 10.04
C ASP B 18 -9.82 -18.26 9.97
N SER B 19 -10.04 -17.71 8.78
CA SER B 19 -10.71 -16.42 8.68
C SER B 19 -11.88 -16.54 7.71
N GLU B 20 -12.25 -15.41 7.11
CA GLU B 20 -13.31 -15.40 6.12
C GLU B 20 -12.97 -14.30 5.12
N MET B 21 -13.39 -14.49 3.88
CA MET B 21 -13.21 -13.47 2.85
C MET B 21 -14.54 -13.12 2.23
N SER B 22 -14.76 -11.82 2.03
CA SER B 22 -15.93 -11.33 1.32
C SER B 22 -15.65 -11.27 -0.18
N TYR B 23 -16.68 -11.55 -0.97
CA TYR B 23 -16.53 -11.54 -2.42
C TYR B 23 -17.87 -11.43 -3.11
N TYR B 24 -17.84 -10.79 -4.29
CA TYR B 24 -19.02 -10.70 -5.15
C TYR B 24 -19.10 -11.95 -6.01
N ASP B 25 -20.32 -12.47 -6.18
CA ASP B 25 -20.55 -13.65 -7.01
C ASP B 25 -21.88 -13.46 -7.75
N SER B 26 -21.82 -13.34 -9.08
CA SER B 26 -23.03 -13.09 -9.86
C SER B 26 -23.91 -14.33 -10.01
N ASP B 27 -23.36 -15.52 -9.81
CA ASP B 27 -24.19 -16.73 -9.80
C ASP B 27 -23.48 -17.84 -9.03
N PRO B 28 -23.73 -17.96 -7.72
CA PRO B 28 -23.08 -19.01 -6.92
C PRO B 28 -23.29 -20.40 -7.51
N GLY B 29 -22.22 -21.21 -7.48
CA GLY B 29 -22.26 -22.48 -8.17
C GLY B 29 -22.46 -22.25 -9.67
N LYS B 30 -23.39 -23.00 -10.25
CA LYS B 30 -23.76 -22.88 -11.66
C LYS B 30 -22.53 -22.81 -12.55
N HIS B 31 -21.87 -23.95 -12.79
CA HIS B 31 -20.69 -23.94 -13.64
C HIS B 31 -21.04 -23.38 -15.01
N LYS B 32 -20.13 -22.56 -15.53
CA LYS B 32 -20.44 -21.54 -16.52
C LYS B 32 -19.12 -20.84 -16.80
N ASN B 33 -19.10 -20.04 -17.88
CA ASN B 33 -17.98 -19.12 -18.09
C ASN B 33 -17.79 -18.25 -16.85
N THR B 34 -16.54 -18.11 -16.41
CA THR B 34 -16.26 -17.58 -15.08
C THR B 34 -15.04 -16.69 -15.11
N VAL B 35 -15.19 -15.46 -14.61
CA VAL B 35 -14.10 -14.49 -14.58
C VAL B 35 -13.93 -13.97 -13.17
N ILE B 36 -12.68 -13.89 -12.72
CA ILE B 36 -12.34 -13.47 -11.37
C ILE B 36 -11.57 -12.16 -11.45
N PHE B 37 -12.11 -11.13 -10.80
CA PHE B 37 -11.47 -9.82 -10.74
C PHE B 37 -10.66 -9.69 -9.45
N LEU B 38 -9.41 -9.21 -9.57
CA LEU B 38 -8.51 -9.02 -8.42
C LEU B 38 -8.07 -7.56 -8.34
N HIS B 39 -8.54 -6.85 -7.32
CA HIS B 39 -8.09 -5.49 -7.01
C HIS B 39 -6.70 -5.50 -6.39
N GLY B 40 -6.16 -4.29 -6.13
CA GLY B 40 -4.89 -4.15 -5.45
C GLY B 40 -4.96 -3.11 -4.33
N ASN B 41 -3.84 -2.45 -4.12
CA ASN B 41 -3.69 -1.57 -2.98
C ASN B 41 -4.03 -0.13 -3.36
N PRO B 42 -4.88 0.59 -2.58
CA PRO B 42 -5.58 0.17 -1.36
C PRO B 42 -7.07 -0.01 -1.58
N THR B 43 -7.46 -0.70 -2.65
CA THR B 43 -8.87 -0.79 -2.98
C THR B 43 -9.46 -2.09 -2.45
N SER B 44 -10.53 -2.55 -3.08
CA SER B 44 -11.29 -3.73 -2.71
C SER B 44 -12.12 -4.11 -3.94
N SER B 45 -12.96 -5.12 -3.78
CA SER B 45 -13.83 -5.54 -4.88
C SER B 45 -14.72 -4.40 -5.38
N TYR B 46 -14.98 -3.39 -4.54
CA TYR B 46 -15.77 -2.22 -4.95
C TYR B 46 -15.17 -1.52 -6.16
N LEU B 47 -13.88 -1.72 -6.41
CA LEU B 47 -13.20 -1.13 -7.55
C LEU B 47 -13.80 -1.62 -8.87
N TRP B 48 -14.41 -2.80 -8.86
CA TRP B 48 -14.92 -3.40 -10.07
C TRP B 48 -16.43 -3.18 -10.23
N ARG B 49 -17.04 -2.34 -9.39
CA ARG B 49 -18.50 -2.30 -9.31
C ARG B 49 -19.14 -1.78 -10.59
N ASN B 50 -18.48 -0.87 -11.31
CA ASN B 50 -19.03 -0.32 -12.55
C ASN B 50 -18.51 -1.03 -13.78
N VAL B 51 -17.54 -1.92 -13.61
CA VAL B 51 -17.04 -2.74 -14.71
C VAL B 51 -17.84 -4.02 -14.86
N ILE B 52 -18.09 -4.68 -13.73
CA ILE B 52 -18.69 -6.02 -13.78
C ILE B 52 -20.04 -6.04 -14.48
N PRO B 53 -20.94 -5.06 -14.31
CA PRO B 53 -22.24 -5.16 -14.99
C PRO B 53 -22.15 -5.34 -16.48
N HIS B 54 -21.04 -4.94 -17.11
CA HIS B 54 -20.82 -5.12 -18.54
C HIS B 54 -20.31 -6.51 -18.88
N VAL B 55 -20.05 -7.36 -17.88
CA VAL B 55 -19.45 -8.66 -18.14
C VAL B 55 -20.36 -9.78 -17.64
N GLU B 56 -21.10 -9.54 -16.56
CA GLU B 56 -21.90 -10.59 -15.94
C GLU B 56 -23.09 -11.09 -16.79
N PRO B 57 -23.57 -10.35 -17.82
CA PRO B 57 -24.49 -11.01 -18.76
C PRO B 57 -23.82 -12.06 -19.62
N LEU B 58 -22.49 -12.08 -19.70
CA LEU B 58 -21.76 -13.10 -20.43
C LEU B 58 -21.08 -14.13 -19.56
N ALA B 59 -21.06 -13.96 -18.24
CA ALA B 59 -20.26 -14.86 -17.42
C ALA B 59 -20.60 -14.68 -15.95
N ARG B 60 -20.32 -15.73 -15.18
CA ARG B 60 -20.27 -15.63 -13.72
C ARG B 60 -19.02 -14.85 -13.34
N CYS B 61 -19.22 -13.73 -12.65
CA CYS B 61 -18.12 -12.88 -12.21
C CYS B 61 -17.93 -13.04 -10.70
N LEU B 62 -16.68 -13.24 -10.27
CA LEU B 62 -16.35 -13.26 -8.85
C LEU B 62 -15.29 -12.22 -8.55
N ALA B 63 -15.50 -11.41 -7.52
CA ALA B 63 -14.53 -10.39 -7.12
C ALA B 63 -14.25 -10.51 -5.63
N PRO B 64 -13.18 -11.17 -5.23
CA PRO B 64 -12.86 -11.25 -3.79
C PRO B 64 -12.20 -9.98 -3.26
N ASP B 65 -12.50 -9.69 -1.99
CA ASP B 65 -11.71 -8.74 -1.23
C ASP B 65 -10.46 -9.44 -0.71
N LEU B 66 -9.29 -8.84 -0.93
CA LEU B 66 -8.07 -9.43 -0.39
C LEU B 66 -8.13 -9.48 1.14
N ILE B 67 -7.49 -10.49 1.73
CA ILE B 67 -7.48 -10.59 3.20
C ILE B 67 -6.99 -9.27 3.78
N GLY B 68 -7.66 -8.81 4.83
CA GLY B 68 -7.34 -7.55 5.48
C GLY B 68 -7.89 -6.33 4.78
N MET B 69 -8.60 -6.51 3.68
CA MET B 69 -9.07 -5.42 2.84
C MET B 69 -10.55 -5.64 2.59
N GLY B 70 -11.23 -4.57 2.21
CA GLY B 70 -12.65 -4.70 1.91
C GLY B 70 -13.36 -5.18 3.15
N LYS B 71 -14.20 -6.21 2.99
CA LYS B 71 -14.95 -6.80 4.08
C LYS B 71 -14.43 -8.18 4.46
N SER B 72 -13.20 -8.52 4.06
CA SER B 72 -12.61 -9.81 4.38
C SER B 72 -11.96 -9.73 5.76
N GLY B 73 -11.74 -10.90 6.39
CA GLY B 73 -11.25 -10.91 7.77
C GLY B 73 -9.91 -10.20 7.91
N LYS B 74 -9.71 -9.59 9.08
CA LYS B 74 -8.41 -9.05 9.45
C LYS B 74 -7.54 -10.12 10.10
N LEU B 75 -6.23 -10.06 9.85
CA LEU B 75 -5.28 -11.06 10.36
C LEU B 75 -4.69 -10.61 11.69
N PRO B 76 -4.89 -11.37 12.77
CA PRO B 76 -4.51 -10.86 14.10
C PRO B 76 -3.05 -10.49 14.24
N ASN B 77 -2.13 -11.17 13.55
CA ASN B 77 -0.70 -10.86 13.68
C ASN B 77 -0.25 -9.69 12.81
N HIS B 78 -1.16 -9.10 12.03
CA HIS B 78 -0.84 -7.93 11.19
C HIS B 78 0.27 -8.21 10.18
N SER B 79 0.40 -9.46 9.76
CA SER B 79 1.38 -9.84 8.73
C SER B 79 0.63 -10.01 7.40
N TYR B 80 0.79 -9.03 6.51
CA TYR B 80 0.11 -8.98 5.22
C TYR B 80 1.11 -8.92 4.06
N ARG B 81 2.15 -9.72 4.12
CA ARG B 81 3.08 -9.84 3.02
C ARG B 81 2.40 -10.49 1.80
N PHE B 82 3.09 -10.45 0.67
CA PHE B 82 2.58 -11.10 -0.53
C PHE B 82 2.27 -12.57 -0.26
N VAL B 83 3.20 -13.26 0.41
CA VAL B 83 2.97 -14.69 0.63
C VAL B 83 1.79 -14.93 1.56
N ASP B 84 1.57 -14.02 2.54
CA ASP B 84 0.35 -14.13 3.35
C ASP B 84 -0.89 -14.00 2.49
N HIS B 85 -0.92 -12.96 1.67
CA HIS B 85 -2.07 -12.71 0.80
C HIS B 85 -2.31 -13.90 -0.11
N TYR B 86 -1.23 -14.40 -0.72
CA TYR B 86 -1.33 -15.56 -1.61
C TYR B 86 -1.86 -16.78 -0.89
N ARG B 87 -1.52 -16.94 0.40
CA ARG B 87 -2.03 -18.07 1.16
C ARG B 87 -3.55 -18.05 1.24
N TYR B 88 -4.15 -16.89 1.55
CA TYR B 88 -5.60 -16.85 1.67
C TYR B 88 -6.30 -16.82 0.32
N LEU B 89 -5.77 -16.08 -0.66
CA LEU B 89 -6.42 -16.04 -1.97
C LEU B 89 -6.39 -17.41 -2.63
N SER B 90 -5.27 -18.13 -2.48
CA SER B 90 -5.17 -19.52 -2.96
C SER B 90 -6.29 -20.36 -2.38
N ALA B 91 -6.45 -20.31 -1.05
CA ALA B 91 -7.51 -21.07 -0.38
C ALA B 91 -8.89 -20.60 -0.82
N TRP B 92 -9.04 -19.30 -1.07
CA TRP B 92 -10.34 -18.81 -1.53
C TRP B 92 -10.68 -19.36 -2.91
N PHE B 93 -9.70 -19.40 -3.82
CA PHE B 93 -9.90 -20.00 -5.13
C PHE B 93 -10.52 -21.39 -5.00
N ASP B 94 -10.01 -22.20 -4.06
CA ASP B 94 -10.45 -23.58 -3.86
C ASP B 94 -11.81 -23.70 -3.18
N SER B 95 -12.36 -22.60 -2.67
CA SER B 95 -13.55 -22.66 -1.84
C SER B 95 -14.79 -22.10 -2.50
N VAL B 96 -14.70 -21.50 -3.67
CA VAL B 96 -15.87 -20.92 -4.32
C VAL B 96 -16.33 -21.76 -5.51
N ASN B 97 -15.76 -22.96 -5.67
CA ASN B 97 -16.24 -23.95 -6.63
C ASN B 97 -16.17 -23.39 -8.06
N LEU B 98 -14.97 -23.27 -8.51
CA LEU B 98 -14.61 -22.78 -9.82
C LEU B 98 -14.66 -23.91 -10.85
N PRO B 99 -15.06 -23.61 -12.07
CA PRO B 99 -14.93 -24.60 -13.15
C PRO B 99 -13.47 -24.93 -13.40
N GLU B 100 -13.23 -25.85 -14.33
CA GLU B 100 -11.86 -26.25 -14.62
C GLU B 100 -11.01 -25.06 -15.07
N LYS B 101 -11.56 -24.20 -15.91
CA LYS B 101 -10.82 -23.10 -16.52
C LYS B 101 -11.50 -21.75 -16.24
N VAL B 102 -10.71 -20.75 -15.87
CA VAL B 102 -11.18 -19.40 -15.60
C VAL B 102 -10.34 -18.39 -16.35
N THR B 103 -10.86 -17.16 -16.46
CA THR B 103 -10.02 -16.05 -16.87
C THR B 103 -9.95 -15.05 -15.71
N ILE B 104 -8.74 -14.49 -15.51
CA ILE B 104 -8.45 -13.55 -14.44
C ILE B 104 -8.39 -12.13 -15.01
N VAL B 105 -9.14 -11.21 -14.40
CA VAL B 105 -8.95 -9.78 -14.61
C VAL B 105 -8.24 -9.22 -13.38
N CYS B 106 -7.13 -8.51 -13.57
CA CYS B 106 -6.41 -8.06 -12.38
C CYS B 106 -5.76 -6.70 -12.60
N HIS B 107 -5.23 -6.17 -11.51
CA HIS B 107 -4.84 -4.77 -11.40
C HIS B 107 -3.90 -4.62 -10.21
N ASP B 108 -2.82 -3.87 -10.40
CA ASP B 108 -1.91 -3.51 -9.31
C ASP B 108 -1.50 -4.79 -8.58
N TRP B 109 -1.52 -4.83 -7.25
CA TRP B 109 -1.05 -6.04 -6.58
C TRP B 109 -2.00 -7.22 -6.81
N GLY B 110 -3.25 -6.95 -7.17
CA GLY B 110 -4.11 -8.02 -7.65
C GLY B 110 -3.47 -8.82 -8.77
N SER B 111 -2.76 -8.14 -9.67
CA SER B 111 -2.11 -8.81 -10.78
C SER B 111 -0.85 -9.55 -10.33
N GLY B 112 -0.11 -9.00 -9.35
CA GLY B 112 0.96 -9.78 -8.75
C GLY B 112 0.47 -11.11 -8.24
N LEU B 113 -0.64 -11.10 -7.49
CA LEU B 113 -1.20 -12.36 -6.98
C LEU B 113 -1.82 -13.18 -8.11
N GLY B 114 -2.48 -12.52 -9.07
CA GLY B 114 -3.14 -13.23 -10.14
C GLY B 114 -2.17 -13.90 -11.11
N PHE B 115 -1.10 -13.18 -11.51
CA PHE B 115 -0.07 -13.76 -12.35
C PHE B 115 0.57 -14.98 -11.68
N HIS B 116 0.81 -14.89 -10.37
CA HIS B 116 1.41 -16.01 -9.64
C HIS B 116 0.46 -17.21 -9.60
N TRP B 117 -0.81 -16.97 -9.30
CA TRP B 117 -1.76 -18.09 -9.30
C TRP B 117 -1.87 -18.73 -10.68
N CYS B 118 -1.82 -17.92 -11.75
CA CYS B 118 -1.79 -18.48 -13.10
C CYS B 118 -0.52 -19.28 -13.34
N ASN B 119 0.62 -18.72 -12.93
CA ASN B 119 1.88 -19.44 -13.11
C ASN B 119 1.89 -20.76 -12.36
N GLU B 120 1.24 -20.84 -11.19
CA GLU B 120 1.16 -22.10 -10.46
C GLU B 120 0.03 -22.99 -10.93
N HIS B 121 -0.83 -22.50 -11.83
CA HIS B 121 -2.04 -23.23 -12.23
C HIS B 121 -2.28 -23.07 -13.72
N ARG B 122 -1.22 -23.28 -14.51
CA ARG B 122 -1.22 -22.92 -15.93
C ARG B 122 -2.34 -23.60 -16.71
N ASP B 123 -2.70 -24.83 -16.32
CA ASP B 123 -3.76 -25.56 -17.01
C ASP B 123 -5.15 -24.98 -16.79
N ARG B 124 -5.33 -24.08 -15.83
CA ARG B 124 -6.66 -23.56 -15.49
C ARG B 124 -6.94 -22.17 -16.05
N VAL B 125 -6.01 -21.60 -16.82
CA VAL B 125 -6.10 -20.22 -17.29
C VAL B 125 -6.78 -20.21 -18.66
N LYS B 126 -8.01 -19.69 -18.72
CA LYS B 126 -8.62 -19.44 -20.01
C LYS B 126 -8.26 -18.08 -20.60
N GLY B 127 -7.80 -17.13 -19.77
CA GLY B 127 -7.33 -15.84 -20.27
C GLY B 127 -6.89 -14.96 -19.12
N ILE B 128 -6.13 -13.91 -19.47
CA ILE B 128 -5.62 -12.96 -18.50
C ILE B 128 -5.84 -11.56 -19.03
N VAL B 129 -6.75 -10.81 -18.41
CA VAL B 129 -6.85 -9.37 -18.61
C VAL B 129 -6.11 -8.68 -17.46
N HIS B 130 -5.15 -7.82 -17.80
CA HIS B 130 -4.41 -7.12 -16.77
C HIS B 130 -4.25 -5.65 -17.13
N MET B 131 -4.11 -4.82 -16.09
CA MET B 131 -3.98 -3.38 -16.23
C MET B 131 -3.19 -2.84 -15.04
N GLU B 132 -2.34 -1.83 -15.29
CA GLU B 132 -1.48 -1.20 -14.29
C GLU B 132 -0.93 -2.27 -13.34
N SER B 133 -0.17 -3.17 -13.94
CA SER B 133 0.06 -4.51 -13.42
C SER B 133 1.53 -4.71 -13.10
N VAL B 134 1.81 -5.63 -12.16
CA VAL B 134 3.18 -5.98 -11.78
C VAL B 134 3.70 -7.00 -12.77
N VAL B 135 4.23 -6.53 -13.91
CA VAL B 135 4.62 -7.44 -14.98
C VAL B 135 6.08 -7.88 -14.91
N ASP B 136 6.90 -7.25 -14.07
CA ASP B 136 8.33 -7.57 -14.06
C ASP B 136 8.97 -6.93 -12.83
N VAL B 137 10.18 -7.38 -12.53
CA VAL B 137 11.00 -6.77 -11.50
C VAL B 137 11.46 -5.41 -11.99
N ILE B 138 11.56 -4.45 -11.08
CA ILE B 138 12.06 -3.12 -11.40
C ILE B 138 13.59 -3.17 -11.35
N GLU B 139 14.23 -3.04 -12.52
CA GLU B 139 15.68 -3.19 -12.66
C GLU B 139 16.42 -1.86 -12.65
N SER B 140 15.91 -0.86 -13.36
CA SER B 140 16.52 0.46 -13.41
C SER B 140 15.41 1.48 -13.35
N TRP B 141 15.50 2.39 -12.38
CA TRP B 141 14.47 3.41 -12.17
C TRP B 141 14.28 4.32 -13.38
N ASP B 142 15.15 4.20 -14.41
CA ASP B 142 14.97 4.98 -15.62
C ASP B 142 13.79 4.49 -16.45
N GLU B 143 13.48 3.21 -16.38
CA GLU B 143 12.40 2.64 -17.18
C GLU B 143 11.05 2.69 -16.47
N TRP B 144 10.97 3.30 -15.30
CA TRP B 144 9.80 3.20 -14.45
C TRP B 144 9.45 4.59 -13.95
N PRO B 145 8.21 4.80 -13.50
CA PRO B 145 7.90 6.07 -12.81
C PRO B 145 8.84 6.23 -11.64
N ASP B 146 9.26 7.47 -11.39
CA ASP B 146 10.35 7.74 -10.45
C ASP B 146 9.82 7.81 -9.01
N ILE B 147 9.52 6.64 -8.45
CA ILE B 147 9.07 6.58 -7.06
C ILE B 147 10.17 6.05 -6.14
N GLU B 148 11.43 6.06 -6.59
CA GLU B 148 12.49 5.50 -5.76
C GLU B 148 12.55 6.15 -4.39
N GLU B 149 12.58 7.48 -4.35
CA GLU B 149 12.57 8.19 -3.08
C GLU B 149 11.35 7.83 -2.24
N ASP B 150 10.18 7.77 -2.89
CA ASP B 150 8.95 7.53 -2.14
C ASP B 150 8.98 6.15 -1.50
N ILE B 151 9.53 5.16 -2.21
CA ILE B 151 9.61 3.81 -1.66
C ILE B 151 10.49 3.79 -0.42
N ALA B 152 11.62 4.52 -0.47
CA ALA B 152 12.49 4.60 0.70
C ALA B 152 11.76 5.26 1.86
N LEU B 153 11.03 6.34 1.59
CA LEU B 153 10.28 6.99 2.66
C LEU B 153 9.26 6.03 3.27
N ILE B 154 8.52 5.28 2.42
CA ILE B 154 7.44 4.47 2.97
C ILE B 154 7.99 3.27 3.75
N LYS B 155 9.20 2.81 3.43
CA LYS B 155 9.88 1.75 4.17
C LYS B 155 10.50 2.23 5.48
N SER B 156 10.56 3.54 5.71
CA SER B 156 11.03 4.10 6.97
C SER B 156 9.89 4.18 7.99
N GLU B 157 10.24 4.57 9.22
CA GLU B 157 9.22 4.74 10.27
C GLU B 157 8.23 5.85 9.93
N ALA B 158 8.62 6.80 9.08
CA ALA B 158 7.64 7.75 8.57
C ALA B 158 6.49 7.03 7.88
N GLY B 159 6.79 5.91 7.19
CA GLY B 159 5.75 5.13 6.57
C GLY B 159 4.63 4.75 7.53
N GLU B 160 5.01 4.24 8.70
CA GLU B 160 4.01 3.84 9.70
C GLU B 160 3.15 5.01 10.10
N GLU B 161 3.78 6.17 10.35
CA GLU B 161 3.02 7.36 10.71
C GLU B 161 2.08 7.77 9.59
N MET B 162 2.62 7.92 8.37
CA MET B 162 1.83 8.33 7.20
C MET B 162 0.63 7.44 6.98
N VAL B 163 0.80 6.12 7.12
CA VAL B 163 -0.24 5.18 6.71
C VAL B 163 -1.10 4.80 7.91
N LEU B 164 -0.47 4.26 8.96
CA LEU B 164 -1.25 3.76 10.10
C LEU B 164 -2.03 4.86 10.77
N LYS B 165 -1.43 6.04 10.93
CA LYS B 165 -2.12 7.13 11.62
C LYS B 165 -2.85 8.04 10.64
N LYS B 166 -2.19 8.45 9.56
CA LYS B 166 -2.70 9.45 8.62
C LYS B 166 -3.46 8.85 7.43
N ASN B 167 -3.46 7.52 7.28
CA ASN B 167 -4.19 6.83 6.21
C ASN B 167 -3.82 7.40 4.84
N PHE B 168 -2.51 7.54 4.62
CA PHE B 168 -1.97 8.31 3.50
C PHE B 168 -2.31 7.70 2.16
N PHE B 169 -2.32 6.37 2.05
CA PHE B 169 -2.59 5.75 0.76
C PHE B 169 -4.02 5.98 0.33
N ILE B 170 -4.96 5.88 1.28
CA ILE B 170 -6.36 6.14 0.98
C ILE B 170 -6.61 7.62 0.75
N GLU B 171 -6.01 8.47 1.58
CA GLU B 171 -6.42 9.88 1.60
C GLU B 171 -5.71 10.72 0.57
N ARG B 172 -4.44 10.43 0.27
CA ARG B 172 -3.69 11.22 -0.68
C ARG B 172 -3.39 10.49 -1.97
N LEU B 173 -2.99 9.22 -1.90
CA LEU B 173 -2.59 8.50 -3.10
C LEU B 173 -3.80 8.11 -3.95
N LEU B 174 -4.86 7.63 -3.32
CA LEU B 174 -6.00 7.17 -4.10
C LEU B 174 -6.61 8.29 -4.96
N PRO B 175 -7.04 9.43 -4.43
CA PRO B 175 -7.67 10.42 -5.32
C PRO B 175 -6.71 11.07 -6.29
N SER B 176 -5.43 11.15 -5.93
CA SER B 176 -4.44 11.75 -6.83
C SER B 176 -4.32 10.98 -8.15
N SER B 177 -4.75 9.73 -8.20
CA SER B 177 -4.59 8.94 -9.42
C SER B 177 -5.95 8.49 -9.96
N ILE B 178 -6.98 9.29 -9.68
CA ILE B 178 -8.28 9.24 -10.36
C ILE B 178 -8.51 10.59 -11.04
N MET B 179 -8.83 10.58 -12.35
CA MET B 179 -9.00 11.84 -13.07
C MET B 179 -10.23 12.60 -12.58
N ARG B 180 -11.36 11.90 -12.43
CA ARG B 180 -12.56 12.54 -11.92
C ARG B 180 -12.49 12.67 -10.40
N LYS B 181 -13.42 13.44 -9.84
CA LYS B 181 -13.60 13.52 -8.40
C LYS B 181 -14.67 12.51 -7.99
N LEU B 182 -14.29 11.58 -7.12
CA LEU B 182 -15.25 10.62 -6.58
C LEU B 182 -16.27 11.33 -5.71
N SER B 183 -17.48 10.77 -5.68
CA SER B 183 -18.44 11.24 -4.71
C SER B 183 -18.01 10.85 -3.31
N GLU B 184 -18.62 11.49 -2.30
CA GLU B 184 -18.31 11.15 -0.92
C GLU B 184 -18.80 9.75 -0.57
N GLU B 185 -19.80 9.21 -1.28
CA GLU B 185 -20.22 7.83 -1.07
C GLU B 185 -19.20 6.85 -1.65
N GLU B 186 -18.64 7.17 -2.83
CA GLU B 186 -17.59 6.31 -3.36
C GLU B 186 -16.32 6.42 -2.52
N MET B 187 -15.95 7.63 -2.10
CA MET B 187 -14.75 7.82 -1.31
C MET B 187 -14.88 7.15 0.06
N ASP B 188 -16.06 7.25 0.68
CA ASP B 188 -16.27 6.59 1.96
C ASP B 188 -16.23 5.07 1.85
N ALA B 189 -16.67 4.52 0.71
CA ALA B 189 -16.62 3.08 0.52
C ALA B 189 -15.18 2.57 0.50
N TYR B 190 -14.27 3.32 -0.13
CA TYR B 190 -12.85 3.00 -0.05
C TYR B 190 -12.31 3.27 1.35
N ARG B 191 -12.91 4.21 2.08
CA ARG B 191 -12.46 4.55 3.43
C ARG B 191 -12.84 3.48 4.43
N GLU B 192 -13.89 2.73 4.14
CA GLU B 192 -14.57 1.97 5.20
C GLU B 192 -13.70 0.91 5.86
N PRO B 193 -12.97 0.04 5.15
CA PRO B 193 -12.19 -0.98 5.87
C PRO B 193 -11.04 -0.39 6.68
N PHE B 194 -10.71 0.89 6.48
CA PHE B 194 -9.54 1.49 7.12
C PHE B 194 -9.90 2.68 8.02
N VAL B 195 -11.14 2.75 8.51
CA VAL B 195 -11.55 3.93 9.28
C VAL B 195 -10.80 4.02 10.60
N GLU B 196 -10.60 2.90 11.29
CA GLU B 196 -9.83 2.92 12.54
C GLU B 196 -8.36 3.15 12.27
N PRO B 197 -7.73 4.18 12.83
CA PRO B 197 -6.28 4.31 12.73
C PRO B 197 -5.58 3.12 13.37
N GLY B 198 -4.34 2.92 12.95
CA GLY B 198 -3.59 1.80 13.50
C GLY B 198 -3.50 0.60 12.57
N GLU B 199 -3.46 -0.60 13.17
CA GLU B 199 -3.16 -1.80 12.41
C GLU B 199 -4.23 -2.18 11.39
N SER B 200 -5.42 -1.59 11.48
CA SER B 200 -6.43 -1.81 10.45
C SER B 200 -5.91 -1.43 9.06
N ARG B 201 -5.01 -0.45 8.99
CA ARG B 201 -4.45 0.02 7.73
C ARG B 201 -3.16 -0.69 7.32
N ARG B 202 -2.70 -1.67 8.10
CA ARG B 202 -1.44 -2.33 7.77
C ARG B 202 -1.34 -2.86 6.33
N PRO B 203 -2.39 -3.43 5.71
CA PRO B 203 -2.23 -3.91 4.32
C PRO B 203 -1.81 -2.82 3.34
N THR B 204 -2.26 -1.59 3.53
CA THR B 204 -1.89 -0.52 2.62
C THR B 204 -0.49 0.00 2.88
N LEU B 205 0.08 -0.27 4.05
CA LEU B 205 1.50 0.03 4.21
C LEU B 205 2.36 -1.11 3.69
N THR B 206 1.98 -2.36 3.95
CA THR B 206 2.87 -3.47 3.62
C THR B 206 2.97 -3.72 2.12
N TRP B 207 1.87 -3.53 1.38
CA TRP B 207 1.92 -3.75 -0.06
C TRP B 207 3.04 -2.94 -0.73
N PRO B 208 3.09 -1.61 -0.56
CA PRO B 208 4.19 -0.86 -1.20
C PRO B 208 5.56 -1.27 -0.69
N ARG B 209 5.64 -1.82 0.53
CA ARG B 209 6.94 -2.28 1.00
C ARG B 209 7.38 -3.56 0.31
N GLU B 210 6.48 -4.24 -0.41
CA GLU B 210 6.81 -5.46 -1.14
C GLU B 210 7.22 -5.22 -2.60
N ILE B 211 7.31 -3.96 -3.04
CA ILE B 211 7.51 -3.69 -4.47
C ILE B 211 8.82 -4.33 -4.93
N PRO B 212 8.83 -5.09 -6.02
CA PRO B 212 10.01 -5.89 -6.35
C PRO B 212 11.07 -5.11 -7.10
N ILE B 213 11.96 -4.46 -6.37
CA ILE B 213 13.06 -3.71 -6.98
C ILE B 213 14.32 -4.55 -6.85
N LYS B 214 14.88 -4.96 -8.00
CA LYS B 214 16.15 -5.67 -8.00
C LYS B 214 17.15 -4.99 -7.07
N GLY B 215 17.70 -5.74 -6.12
CA GLY B 215 18.69 -5.23 -5.20
C GLY B 215 18.15 -4.50 -4.00
N ASP B 216 16.83 -4.28 -3.93
CA ASP B 216 16.27 -3.47 -2.86
C ASP B 216 14.83 -3.87 -2.55
N GLY B 217 14.46 -5.13 -2.81
CA GLY B 217 13.14 -5.63 -2.50
C GLY B 217 13.25 -7.03 -1.92
N PRO B 218 12.14 -7.57 -1.40
CA PRO B 218 12.20 -8.89 -0.76
C PRO B 218 12.49 -9.99 -1.76
N GLU B 219 13.34 -10.93 -1.35
CA GLU B 219 13.80 -11.98 -2.24
C GLU B 219 12.65 -12.89 -2.68
N ASP B 220 11.71 -13.16 -1.77
CA ASP B 220 10.65 -14.09 -2.13
C ASP B 220 9.74 -13.49 -3.21
N VAL B 221 9.44 -12.20 -3.10
CA VAL B 221 8.58 -11.54 -4.09
C VAL B 221 9.29 -11.44 -5.45
N ILE B 222 10.56 -11.01 -5.44
CA ILE B 222 11.30 -10.87 -6.71
C ILE B 222 11.35 -12.20 -7.45
N GLU B 223 11.65 -13.29 -6.73
CA GLU B 223 11.68 -14.62 -7.33
C GLU B 223 10.33 -14.99 -7.93
N ILE B 224 9.24 -14.67 -7.23
CA ILE B 224 7.92 -14.99 -7.76
C ILE B 224 7.66 -14.18 -9.02
N VAL B 225 8.03 -12.90 -9.01
CA VAL B 225 7.81 -12.05 -10.18
C VAL B 225 8.69 -12.49 -11.34
N LYS B 226 9.99 -12.68 -11.08
CA LYS B 226 10.89 -13.11 -12.15
C LYS B 226 10.39 -14.37 -12.84
N SER B 227 9.70 -15.25 -12.10
CA SER B 227 9.29 -16.54 -12.64
C SER B 227 7.97 -16.50 -13.39
N TYR B 228 6.98 -15.70 -12.97
CA TYR B 228 5.80 -15.60 -13.81
C TYR B 228 5.99 -14.65 -14.98
N ASN B 229 6.92 -13.70 -14.87
CA ASN B 229 7.23 -12.84 -16.00
C ASN B 229 7.80 -13.67 -17.14
N LYS B 230 8.77 -14.53 -16.82
CA LYS B 230 9.31 -15.48 -17.78
C LYS B 230 8.19 -16.27 -18.47
N TRP B 231 7.37 -16.94 -17.66
CA TRP B 231 6.29 -17.76 -18.21
C TRP B 231 5.37 -16.94 -19.12
N LEU B 232 5.03 -15.72 -18.69
CA LEU B 232 4.09 -14.91 -19.46
C LEU B 232 4.72 -14.47 -20.79
N SER B 233 6.01 -14.15 -20.79
CA SER B 233 6.70 -13.68 -21.98
C SER B 233 6.77 -14.73 -23.08
N THR B 234 6.42 -15.98 -22.78
CA THR B 234 6.33 -17.04 -23.78
C THR B 234 4.95 -17.70 -23.79
N SER B 235 3.96 -17.08 -23.16
CA SER B 235 2.66 -17.72 -22.94
C SER B 235 1.79 -17.67 -24.21
N LYS B 236 2.31 -18.33 -25.26
CA LYS B 236 1.76 -18.17 -26.61
C LYS B 236 0.29 -18.60 -26.68
N ASP B 237 -0.08 -19.61 -25.91
CA ASP B 237 -1.43 -20.13 -26.00
C ASP B 237 -2.35 -19.62 -24.89
N ILE B 238 -1.92 -18.60 -24.14
CA ILE B 238 -2.78 -17.94 -23.16
C ILE B 238 -3.23 -16.60 -23.75
N PRO B 239 -4.49 -16.44 -24.13
CA PRO B 239 -4.96 -15.14 -24.62
C PRO B 239 -4.95 -14.09 -23.51
N LYS B 240 -4.39 -12.93 -23.83
CA LYS B 240 -4.18 -11.85 -22.88
C LYS B 240 -4.74 -10.56 -23.44
N LEU B 241 -5.28 -9.73 -22.55
CA LEU B 241 -5.67 -8.38 -22.89
C LEU B 241 -5.00 -7.45 -21.89
N PHE B 242 -4.11 -6.60 -22.38
CA PHE B 242 -3.49 -5.55 -21.59
C PHE B 242 -4.28 -4.28 -21.84
N ILE B 243 -4.94 -3.79 -20.79
CA ILE B 243 -5.73 -2.57 -20.91
C ILE B 243 -4.83 -1.43 -20.48
N ASN B 244 -4.37 -0.68 -21.47
CA ASN B 244 -3.41 0.40 -21.31
C ASN B 244 -4.13 1.64 -20.83
N ALA B 245 -3.59 2.30 -19.81
CA ALA B 245 -4.18 3.54 -19.32
C ALA B 245 -3.42 4.71 -19.93
N ASP B 246 -4.16 5.71 -20.43
CA ASP B 246 -3.59 6.93 -20.98
C ASP B 246 -4.04 8.11 -20.12
N PRO B 247 -3.12 8.80 -19.42
CA PRO B 247 -1.68 8.59 -19.47
C PRO B 247 -1.18 7.48 -18.54
N GLY B 248 -2.04 7.02 -17.62
CA GLY B 248 -1.67 5.93 -16.75
C GLY B 248 -0.56 6.31 -15.79
N PHE B 249 -0.06 5.29 -15.10
CA PHE B 249 1.07 5.46 -14.19
C PHE B 249 2.19 4.49 -14.58
N PHE B 250 2.03 3.20 -14.32
CA PHE B 250 2.96 2.20 -14.83
C PHE B 250 2.72 1.83 -16.29
N SER B 251 1.63 2.33 -16.89
CA SER B 251 1.22 1.84 -18.21
C SER B 251 2.34 1.95 -19.25
N ASN B 252 3.01 3.10 -19.30
CA ASN B 252 4.09 3.25 -20.28
C ASN B 252 5.19 2.23 -20.05
N ALA B 253 5.59 2.00 -18.80
CA ALA B 253 6.60 0.97 -18.56
C ALA B 253 6.07 -0.42 -18.90
N ILE B 254 4.77 -0.69 -18.68
CA ILE B 254 4.22 -2.01 -18.97
C ILE B 254 4.20 -2.27 -20.46
N LYS B 255 3.84 -1.24 -21.23
CA LYS B 255 3.86 -1.32 -22.69
C LYS B 255 5.24 -1.75 -23.18
N LYS B 256 6.30 -1.19 -22.61
CA LYS B 256 7.66 -1.60 -22.98
C LYS B 256 7.94 -3.05 -22.57
N VAL B 257 7.61 -3.42 -21.33
CA VAL B 257 8.01 -4.75 -20.83
C VAL B 257 7.29 -5.85 -21.62
N THR B 258 6.03 -5.65 -21.95
CA THR B 258 5.27 -6.69 -22.63
C THR B 258 5.26 -6.52 -24.16
N LYS B 259 6.19 -5.74 -24.72
CA LYS B 259 6.06 -5.39 -26.15
C LYS B 259 6.16 -6.60 -27.06
N ASN B 260 6.88 -7.64 -26.66
CA ASN B 260 7.01 -8.84 -27.49
C ASN B 260 6.35 -10.07 -26.86
N TRP B 261 5.41 -9.86 -25.94
CA TRP B 261 4.67 -10.98 -25.35
C TRP B 261 3.69 -11.54 -26.37
N PRO B 262 3.62 -12.87 -26.53
CA PRO B 262 2.70 -13.44 -27.53
C PRO B 262 1.25 -13.39 -27.07
N ASN B 263 0.35 -13.33 -28.05
CA ASN B 263 -1.09 -13.47 -27.79
C ASN B 263 -1.59 -12.42 -26.77
N GLN B 264 -1.14 -11.17 -26.91
CA GLN B 264 -1.63 -10.06 -26.10
C GLN B 264 -2.22 -8.97 -26.97
N LYS B 265 -3.53 -8.79 -26.90
CA LYS B 265 -4.15 -7.59 -27.46
C LYS B 265 -4.10 -6.44 -26.45
N THR B 266 -4.09 -5.24 -26.99
CA THR B 266 -4.10 -4.01 -26.20
C THR B 266 -5.28 -3.16 -26.62
N VAL B 267 -5.97 -2.60 -25.64
CA VAL B 267 -6.85 -1.45 -25.85
C VAL B 267 -6.39 -0.36 -24.89
N THR B 268 -6.67 0.89 -25.26
CA THR B 268 -6.25 2.05 -24.48
C THR B 268 -7.48 2.79 -24.02
N VAL B 269 -7.51 3.16 -22.74
CA VAL B 269 -8.61 3.91 -22.16
C VAL B 269 -8.02 5.10 -21.42
N LYS B 270 -8.88 6.08 -21.16
CA LYS B 270 -8.50 7.24 -20.37
C LYS B 270 -8.39 6.84 -18.90
N GLY B 271 -7.32 7.26 -18.25
CA GLY B 271 -7.13 6.98 -16.83
C GLY B 271 -5.71 7.13 -16.40
N LEU B 272 -5.54 7.32 -15.10
CA LEU B 272 -4.25 7.29 -14.44
C LEU B 272 -4.04 5.89 -13.85
N HIS B 273 -3.75 5.73 -12.55
CA HIS B 273 -3.56 4.37 -12.07
C HIS B 273 -4.89 3.68 -11.81
N PHE B 274 -5.83 4.37 -11.16
CA PHE B 274 -7.10 3.71 -10.83
C PHE B 274 -8.10 3.91 -11.98
N LEU B 275 -7.76 3.29 -13.11
CA LEU B 275 -8.44 3.59 -14.39
C LEU B 275 -9.86 3.06 -14.43
N GLN B 276 -10.20 2.12 -13.56
CA GLN B 276 -11.57 1.62 -13.41
C GLN B 276 -12.52 2.71 -12.96
N GLU B 277 -12.03 3.78 -12.33
CA GLU B 277 -12.93 4.84 -11.95
C GLU B 277 -13.14 5.87 -13.05
N ASP B 278 -12.27 5.91 -14.05
CA ASP B 278 -12.39 6.88 -15.15
C ASP B 278 -13.00 6.29 -16.41
N SER B 279 -12.77 5.02 -16.70
CA SER B 279 -13.38 4.47 -17.91
C SER B 279 -13.96 3.07 -17.69
N PRO B 280 -14.83 2.89 -16.69
CA PRO B 280 -15.29 1.52 -16.40
C PRO B 280 -16.08 0.91 -17.56
N GLU B 281 -17.00 1.68 -18.14
CA GLU B 281 -17.76 1.18 -19.29
C GLU B 281 -16.83 0.66 -20.38
N GLU B 282 -15.82 1.46 -20.74
CA GLU B 282 -14.90 1.06 -21.79
C GLU B 282 -14.12 -0.19 -21.40
N ILE B 283 -13.62 -0.23 -20.17
CA ILE B 283 -12.97 -1.44 -19.66
C ILE B 283 -13.94 -2.60 -19.70
N GLY B 284 -15.16 -2.38 -19.23
CA GLY B 284 -16.13 -3.46 -19.15
C GLY B 284 -16.50 -3.99 -20.51
N GLU B 285 -16.61 -3.11 -21.52
CA GLU B 285 -16.90 -3.54 -22.88
C GLU B 285 -15.72 -4.26 -23.49
N ALA B 286 -14.51 -3.77 -23.21
CA ALA B 286 -13.31 -4.42 -23.71
C ALA B 286 -13.22 -5.85 -23.18
N ILE B 287 -13.47 -6.03 -21.89
CA ILE B 287 -13.45 -7.38 -21.31
C ILE B 287 -14.46 -8.25 -22.02
N ALA B 288 -15.69 -7.75 -22.16
CA ALA B 288 -16.75 -8.49 -22.84
C ALA B 288 -16.35 -8.90 -24.26
N ASP B 289 -15.72 -7.99 -25.03
CA ASP B 289 -15.25 -8.32 -26.38
C ASP B 289 -14.22 -9.44 -26.35
N PHE B 290 -13.26 -9.34 -25.43
CA PHE B 290 -12.22 -10.37 -25.31
C PHE B 290 -12.83 -11.70 -24.91
N LEU B 291 -13.84 -11.70 -24.04
CA LEU B 291 -14.50 -12.94 -23.66
C LEU B 291 -15.25 -13.55 -24.84
N ASN B 292 -15.84 -12.70 -25.68
CA ASN B 292 -16.55 -13.21 -26.84
C ASN B 292 -15.58 -13.81 -27.87
N GLU B 293 -14.35 -13.30 -27.96
CA GLU B 293 -13.37 -13.89 -28.86
C GLU B 293 -12.88 -15.26 -28.41
N LEU B 294 -13.21 -15.69 -27.20
CA LEU B 294 -12.65 -16.91 -26.63
C LEU B 294 -13.31 -18.18 -27.19
N THR C 1 8.63 -37.97 5.63
CA THR C 1 7.45 -37.64 6.42
C THR C 1 7.18 -38.74 7.48
N ALA C 2 7.22 -38.34 8.75
CA ALA C 2 6.95 -39.26 9.84
C ALA C 2 5.45 -39.48 9.98
N THR C 3 5.07 -40.72 10.28
CA THR C 3 3.66 -41.02 10.50
C THR C 3 3.38 -41.11 12.00
N GLY C 4 2.10 -40.98 12.35
CA GLY C 4 1.67 -41.05 13.73
C GLY C 4 2.22 -42.26 14.45
N ASP C 5 1.93 -43.46 13.94
CA ASP C 5 2.32 -44.67 14.65
C ASP C 5 3.83 -44.85 14.67
N GLU C 6 4.54 -44.38 13.62
CA GLU C 6 6.00 -44.47 13.64
C GLU C 6 6.58 -43.65 14.80
N TRP C 7 6.13 -42.40 14.94
CA TRP C 7 6.62 -41.55 16.03
C TRP C 7 6.26 -42.12 17.40
N TRP C 8 4.99 -42.46 17.61
CA TRP C 8 4.58 -42.96 18.92
C TRP C 8 5.14 -44.33 19.21
N ALA C 9 5.66 -45.05 18.20
CA ALA C 9 6.36 -46.31 18.45
C ALA C 9 7.72 -46.09 19.11
N LYS C 10 8.22 -44.85 19.15
CA LYS C 10 9.45 -44.52 19.86
C LYS C 10 9.21 -44.03 21.28
N CYS C 11 7.96 -43.84 21.68
CA CYS C 11 7.64 -43.20 22.94
C CYS C 11 7.33 -44.24 24.02
N LYS C 12 7.65 -43.88 25.26
CA LYS C 12 7.31 -44.67 26.44
C LYS C 12 5.99 -44.19 27.03
N GLN C 13 5.44 -45.02 27.91
CA GLN C 13 4.31 -44.66 28.75
C GLN C 13 4.72 -44.89 30.20
N VAL C 14 4.31 -43.98 31.07
CA VAL C 14 4.50 -44.14 32.50
C VAL C 14 3.18 -43.81 33.19
N ASP C 15 2.88 -44.54 34.27
CA ASP C 15 1.73 -44.22 35.11
C ASP C 15 1.95 -42.89 35.80
N VAL C 16 0.87 -42.10 35.92
CA VAL C 16 0.91 -40.78 36.53
C VAL C 16 -0.42 -40.58 37.24
N LEU C 17 -0.37 -40.40 38.56
CA LEU C 17 -1.58 -40.39 39.39
C LEU C 17 -2.49 -41.53 38.98
N ASP C 18 -3.76 -41.23 38.72
CA ASP C 18 -4.73 -42.22 38.28
C ASP C 18 -4.66 -42.52 36.79
N SER C 19 -3.87 -41.79 36.01
CA SER C 19 -3.92 -42.02 34.57
C SER C 19 -2.55 -42.47 34.06
N GLU C 20 -2.19 -42.07 32.85
CA GLU C 20 -0.93 -42.46 32.23
C GLU C 20 -0.56 -41.42 31.18
N MET C 21 0.73 -41.14 31.06
CA MET C 21 1.24 -40.15 30.14
C MET C 21 2.25 -40.77 29.19
N SER C 22 2.11 -40.43 27.92
CA SER C 22 3.00 -40.89 26.87
C SER C 22 4.07 -39.83 26.66
N TYR C 23 5.30 -40.28 26.41
CA TYR C 23 6.40 -39.35 26.25
C TYR C 23 7.55 -39.99 25.49
N TYR C 24 8.35 -39.15 24.85
CA TYR C 24 9.58 -39.58 24.21
C TYR C 24 10.75 -39.50 25.20
N ASP C 25 11.59 -40.54 25.19
CA ASP C 25 12.81 -40.54 26.00
C ASP C 25 13.96 -41.01 25.11
N SER C 26 14.96 -40.15 24.92
CA SER C 26 16.11 -40.53 24.09
C SER C 26 16.95 -41.62 24.75
N ASP C 27 17.27 -41.47 26.04
CA ASP C 27 17.97 -42.52 26.80
C ASP C 27 17.40 -42.61 28.20
N PRO C 28 16.57 -43.61 28.47
CA PRO C 28 15.80 -43.64 29.73
C PRO C 28 16.69 -43.93 30.93
N GLY C 29 16.47 -43.16 32.00
CA GLY C 29 17.12 -43.40 33.27
C GLY C 29 18.56 -42.94 33.40
N LYS C 30 19.17 -42.46 32.32
CA LYS C 30 20.55 -41.99 32.37
C LYS C 30 20.56 -40.53 32.82
N HIS C 31 21.41 -40.22 33.81
CA HIS C 31 21.45 -38.90 34.42
C HIS C 31 22.36 -37.91 33.69
N LYS C 32 22.49 -38.04 32.36
CA LYS C 32 23.26 -37.09 31.56
C LYS C 32 22.51 -35.76 31.43
N ASN C 33 23.11 -34.84 30.66
CA ASN C 33 22.45 -33.61 30.25
C ASN C 33 21.04 -33.90 29.74
N THR C 34 20.06 -33.19 30.28
CA THR C 34 18.66 -33.55 30.04
C THR C 34 17.84 -32.33 29.67
N VAL C 35 17.15 -32.42 28.53
CA VAL C 35 16.28 -31.37 28.01
C VAL C 35 14.86 -31.92 27.93
N ILE C 36 13.89 -31.14 28.41
CA ILE C 36 12.47 -31.50 28.34
C ILE C 36 11.75 -30.53 27.41
N PHE C 37 11.00 -31.08 26.45
CA PHE C 37 10.28 -30.33 25.41
C PHE C 37 8.79 -30.33 25.71
N LEU C 38 8.20 -29.15 25.91
CA LEU C 38 6.76 -29.04 26.23
C LEU C 38 5.98 -28.42 25.07
N HIS C 39 5.08 -29.20 24.45
CA HIS C 39 4.19 -28.68 23.43
C HIS C 39 3.03 -27.91 24.08
N GLY C 40 2.26 -27.19 23.25
CA GLY C 40 1.04 -26.53 23.68
C GLY C 40 -0.19 -26.98 22.91
N ASN C 41 -1.09 -26.04 22.60
CA ASN C 41 -2.38 -26.43 22.04
C ASN C 41 -2.49 -26.07 20.57
N PRO C 42 -2.92 -26.99 19.67
CA PRO C 42 -3.44 -28.34 19.86
C PRO C 42 -2.51 -29.48 19.46
N THR C 43 -1.25 -29.42 19.91
CA THR C 43 -0.24 -30.33 19.42
C THR C 43 0.07 -31.43 20.44
N SER C 44 1.26 -32.02 20.34
CA SER C 44 1.69 -33.17 21.11
C SER C 44 3.20 -33.24 21.00
N SER C 45 3.79 -34.30 21.58
CA SER C 45 5.23 -34.51 21.41
C SER C 45 5.62 -34.58 19.94
N TYR C 46 4.68 -34.95 19.07
CA TYR C 46 4.92 -35.02 17.64
C TYR C 46 5.48 -33.71 17.10
N LEU C 47 5.08 -32.59 17.70
CA LEU C 47 5.54 -31.28 17.29
C LEU C 47 7.05 -31.20 17.28
N TRP C 48 7.72 -32.00 18.12
CA TRP C 48 9.15 -31.89 18.30
C TRP C 48 9.95 -32.88 17.46
N ARG C 49 9.29 -33.66 16.59
CA ARG C 49 9.92 -34.84 16.03
C ARG C 49 11.12 -34.49 15.17
N ASN C 50 11.11 -33.33 14.52
CA ASN C 50 12.21 -32.91 13.67
C ASN C 50 13.15 -31.96 14.38
N VAL C 51 12.83 -31.54 15.60
CA VAL C 51 13.73 -30.68 16.35
C VAL C 51 14.71 -31.50 17.19
N ILE C 52 14.22 -32.56 17.83
CA ILE C 52 14.99 -33.32 18.82
C ILE C 52 16.20 -34.04 18.23
N PRO C 53 16.17 -34.55 16.97
CA PRO C 53 17.39 -35.17 16.41
C PRO C 53 18.62 -34.28 16.45
N HIS C 54 18.46 -32.98 16.24
CA HIS C 54 19.59 -32.06 16.31
C HIS C 54 20.03 -31.82 17.75
N VAL C 55 19.24 -32.25 18.74
CA VAL C 55 19.60 -32.08 20.13
C VAL C 55 20.05 -33.39 20.77
N GLU C 56 19.48 -34.52 20.34
CA GLU C 56 19.77 -35.82 20.95
C GLU C 56 21.25 -36.11 21.17
N PRO C 57 22.15 -35.96 20.18
CA PRO C 57 23.56 -36.30 20.43
C PRO C 57 24.21 -35.50 21.54
N LEU C 58 23.55 -34.49 22.09
CA LEU C 58 24.12 -33.69 23.16
C LEU C 58 23.41 -33.85 24.51
N ALA C 59 22.25 -34.52 24.54
CA ALA C 59 21.52 -34.58 25.80
C ALA C 59 20.42 -35.61 25.71
N ARG C 60 20.07 -36.17 26.87
CA ARG C 60 18.81 -36.89 27.04
C ARG C 60 17.65 -35.93 26.79
N CYS C 61 16.81 -36.27 25.82
CA CYS C 61 15.66 -35.44 25.45
C CYS C 61 14.36 -36.13 25.85
N LEU C 62 13.52 -35.43 26.60
CA LEU C 62 12.20 -35.92 26.96
C LEU C 62 11.12 -35.00 26.41
N ALA C 63 10.11 -35.57 25.77
CA ALA C 63 8.95 -34.81 25.28
C ALA C 63 7.64 -35.49 25.67
N PRO C 64 6.95 -34.97 26.69
CA PRO C 64 5.66 -35.59 27.07
C PRO C 64 4.48 -35.07 26.24
N ASP C 65 3.51 -35.96 26.04
CA ASP C 65 2.17 -35.53 25.67
C ASP C 65 1.46 -35.05 26.93
N LEU C 66 0.94 -33.82 26.90
CA LEU C 66 0.15 -33.33 28.03
C LEU C 66 -1.10 -34.21 28.22
N ILE C 67 -1.62 -34.21 29.45
CA ILE C 67 -2.81 -35.02 29.74
C ILE C 67 -3.92 -34.69 28.76
N GLY C 68 -4.60 -35.72 28.26
CA GLY C 68 -5.70 -35.54 27.34
C GLY C 68 -5.28 -35.22 25.92
N MET C 69 -3.98 -35.24 25.63
CA MET C 69 -3.44 -34.86 24.33
C MET C 69 -2.47 -35.94 23.88
N GLY C 70 -2.19 -35.97 22.58
CA GLY C 70 -1.28 -36.98 22.07
C GLY C 70 -1.77 -38.38 22.45
N LYS C 71 -0.86 -39.20 22.99
CA LYS C 71 -1.20 -40.53 23.48
C LYS C 71 -1.31 -40.60 25.00
N SER C 72 -1.32 -39.47 25.69
CA SER C 72 -1.53 -39.51 27.13
C SER C 72 -3.00 -39.77 27.42
N GLY C 73 -3.30 -40.19 28.66
CA GLY C 73 -4.65 -40.61 28.99
C GLY C 73 -5.63 -39.46 29.01
N LYS C 74 -6.91 -39.78 28.76
CA LYS C 74 -8.01 -38.81 28.89
C LYS C 74 -8.51 -38.78 30.34
N LEU C 75 -9.03 -37.61 30.75
CA LEU C 75 -9.57 -37.45 32.10
C LEU C 75 -11.08 -37.64 32.08
N PRO C 76 -11.62 -38.60 32.85
CA PRO C 76 -13.07 -38.87 32.81
C PRO C 76 -13.97 -37.65 33.02
N ASN C 77 -13.60 -36.69 33.88
CA ASN C 77 -14.46 -35.53 34.16
C ASN C 77 -14.29 -34.38 33.18
N HIS C 78 -13.42 -34.50 32.17
CA HIS C 78 -13.33 -33.53 31.07
C HIS C 78 -12.95 -32.14 31.55
N SER C 79 -12.24 -32.07 32.67
CA SER C 79 -11.71 -30.80 33.18
C SER C 79 -10.21 -30.75 32.90
N TYR C 80 -9.84 -29.94 31.91
CA TYR C 80 -8.44 -29.80 31.50
C TYR C 80 -7.94 -28.37 31.70
N ARG C 81 -8.14 -27.79 32.87
CA ARG C 81 -7.67 -26.42 33.07
C ARG C 81 -6.16 -26.43 33.33
N PHE C 82 -5.57 -25.23 33.38
CA PHE C 82 -4.13 -25.14 33.67
C PHE C 82 -3.77 -25.92 34.93
N VAL C 83 -4.56 -25.76 36.01
CA VAL C 83 -4.25 -26.46 37.25
C VAL C 83 -4.27 -27.98 37.04
N ASP C 84 -5.28 -28.45 36.30
CA ASP C 84 -5.34 -29.88 35.96
C ASP C 84 -4.08 -30.33 35.24
N HIS C 85 -3.72 -29.62 34.15
CA HIS C 85 -2.52 -30.00 33.40
C HIS C 85 -1.29 -29.97 34.29
N TYR C 86 -1.18 -28.96 35.15
CA TYR C 86 0.01 -28.84 35.98
C TYR C 86 0.08 -29.98 37.00
N ARG C 87 -1.08 -30.45 37.49
CA ARG C 87 -1.09 -31.58 38.42
C ARG C 87 -0.45 -32.81 37.78
N TYR C 88 -0.88 -33.17 36.57
CA TYR C 88 -0.35 -34.37 35.93
C TYR C 88 1.08 -34.15 35.46
N LEU C 89 1.39 -32.97 34.89
CA LEU C 89 2.74 -32.73 34.41
C LEU C 89 3.76 -32.70 35.56
N SER C 90 3.40 -32.06 36.68
CA SER C 90 4.27 -32.11 37.86
C SER C 90 4.55 -33.55 38.29
N ALA C 91 3.50 -34.39 38.30
CA ALA C 91 3.69 -35.79 38.68
C ALA C 91 4.58 -36.52 37.67
N TRP C 92 4.38 -36.25 36.37
CA TRP C 92 5.23 -36.84 35.35
C TRP C 92 6.69 -36.47 35.57
N PHE C 93 6.96 -35.19 35.86
CA PHE C 93 8.34 -34.75 36.10
C PHE C 93 9.00 -35.56 37.20
N ASP C 94 8.22 -35.95 38.23
CA ASP C 94 8.71 -36.77 39.33
C ASP C 94 8.79 -38.25 38.99
N SER C 95 8.42 -38.66 37.78
CA SER C 95 8.32 -40.07 37.44
C SER C 95 9.33 -40.56 36.41
N VAL C 96 10.19 -39.69 35.87
CA VAL C 96 11.03 -40.09 34.76
C VAL C 96 12.52 -39.98 35.10
N ASN C 97 12.85 -39.98 36.39
CA ASN C 97 14.22 -40.12 36.89
C ASN C 97 15.14 -39.07 36.26
N LEU C 98 14.88 -37.81 36.64
CA LEU C 98 15.50 -36.57 36.21
C LEU C 98 16.72 -36.24 37.05
N PRO C 99 17.74 -35.66 36.42
CA PRO C 99 18.87 -35.12 37.18
C PRO C 99 18.46 -33.96 38.07
N GLU C 100 19.39 -33.42 38.85
CA GLU C 100 19.05 -32.31 39.73
C GLU C 100 18.64 -31.07 38.93
N LYS C 101 19.26 -30.85 37.77
CA LYS C 101 18.96 -29.67 36.96
C LYS C 101 18.68 -30.08 35.52
N VAL C 102 17.71 -29.37 34.90
CA VAL C 102 17.22 -29.71 33.57
C VAL C 102 17.05 -28.44 32.73
N THR C 103 16.95 -28.63 31.43
CA THR C 103 16.62 -27.55 30.50
C THR C 103 15.21 -27.77 29.97
N ILE C 104 14.40 -26.71 30.00
CA ILE C 104 13.04 -26.73 29.45
C ILE C 104 13.04 -25.99 28.12
N VAL C 105 12.69 -26.69 27.05
CA VAL C 105 12.33 -26.11 25.76
C VAL C 105 10.82 -26.15 25.67
N CYS C 106 10.17 -24.98 25.54
CA CYS C 106 8.72 -24.95 25.63
C CYS C 106 8.10 -24.00 24.61
N HIS C 107 6.80 -24.19 24.39
CA HIS C 107 6.07 -23.52 23.31
C HIS C 107 4.62 -23.37 23.73
N ASP C 108 4.05 -22.19 23.49
CA ASP C 108 2.60 -22.00 23.65
C ASP C 108 2.23 -22.34 25.11
N TRP C 109 1.14 -23.05 25.36
CA TRP C 109 0.76 -23.37 26.72
C TRP C 109 1.77 -24.30 27.38
N GLY C 110 2.56 -25.03 26.60
CA GLY C 110 3.66 -25.77 27.20
C GLY C 110 4.63 -24.88 27.93
N SER C 111 4.73 -23.61 27.52
CA SER C 111 5.60 -22.65 28.20
C SER C 111 4.88 -22.03 29.38
N GLY C 112 3.55 -21.93 29.35
CA GLY C 112 2.83 -21.60 30.57
C GLY C 112 3.10 -22.61 31.67
N LEU C 113 3.03 -23.89 31.32
CA LEU C 113 3.28 -24.95 32.29
C LEU C 113 4.77 -25.00 32.65
N GLY C 114 5.64 -24.89 31.65
CA GLY C 114 7.07 -24.95 31.91
C GLY C 114 7.56 -23.79 32.75
N PHE C 115 7.11 -22.56 32.44
CA PHE C 115 7.52 -21.40 33.22
C PHE C 115 7.12 -21.56 34.67
N HIS C 116 5.89 -22.05 34.90
CA HIS C 116 5.40 -22.26 36.26
C HIS C 116 6.23 -23.30 36.99
N TRP C 117 6.43 -24.48 36.37
CA TRP C 117 7.27 -25.50 36.98
C TRP C 117 8.66 -24.95 37.30
N CYS C 118 9.24 -24.18 36.38
CA CYS C 118 10.53 -23.54 36.64
C CYS C 118 10.44 -22.61 37.84
N ASN C 119 9.34 -21.86 37.94
CA ASN C 119 9.14 -20.97 39.07
C ASN C 119 8.93 -21.71 40.38
N GLU C 120 8.29 -22.88 40.34
CA GLU C 120 8.10 -23.63 41.57
C GLU C 120 9.31 -24.50 41.90
N HIS C 121 10.33 -24.50 41.06
CA HIS C 121 11.49 -25.38 41.22
C HIS C 121 12.73 -24.65 40.75
N ARG C 122 12.93 -23.43 41.26
CA ARG C 122 13.90 -22.53 40.66
C ARG C 122 15.30 -23.11 40.61
N ASP C 123 15.65 -23.98 41.56
CA ASP C 123 17.01 -24.48 41.66
C ASP C 123 17.27 -25.70 40.78
N ARG C 124 16.28 -26.17 40.02
CA ARG C 124 16.48 -27.28 39.12
C ARG C 124 16.58 -26.83 37.66
N VAL C 125 16.72 -25.54 37.42
CA VAL C 125 16.59 -24.97 36.08
C VAL C 125 17.99 -24.71 35.52
N LYS C 126 18.41 -25.56 34.59
CA LYS C 126 19.66 -25.33 33.86
C LYS C 126 19.52 -24.22 32.82
N GLY C 127 18.29 -23.87 32.45
CA GLY C 127 18.05 -22.94 31.37
C GLY C 127 16.67 -23.11 30.79
N ILE C 128 16.26 -22.10 30.02
CA ILE C 128 14.94 -22.08 29.39
C ILE C 128 15.09 -21.63 27.94
N VAL C 129 14.67 -22.49 27.01
CA VAL C 129 14.44 -22.11 25.62
C VAL C 129 12.93 -21.97 25.45
N HIS C 130 12.47 -20.81 25.00
CA HIS C 130 11.04 -20.59 24.81
C HIS C 130 10.77 -19.93 23.46
N MET C 131 9.55 -20.14 22.97
CA MET C 131 9.11 -19.65 21.67
C MET C 131 7.59 -19.57 21.67
N GLU C 132 7.05 -18.49 21.09
CA GLU C 132 5.61 -18.29 21.00
C GLU C 132 4.95 -18.64 22.34
N SER C 133 5.43 -17.97 23.39
CA SER C 133 5.29 -18.40 24.77
C SER C 133 4.43 -17.44 25.57
N VAL C 134 3.96 -17.95 26.72
CA VAL C 134 3.06 -17.21 27.61
C VAL C 134 3.95 -16.50 28.62
N VAL C 135 4.39 -15.28 28.27
CA VAL C 135 5.40 -14.57 29.06
C VAL C 135 4.81 -13.60 30.07
N ASP C 136 3.53 -13.25 29.97
CA ASP C 136 2.94 -12.27 30.87
C ASP C 136 1.45 -12.23 30.63
N VAL C 137 0.74 -11.49 31.49
CA VAL C 137 -0.70 -11.29 31.37
C VAL C 137 -0.95 -10.28 30.27
N ILE C 138 -2.08 -10.40 29.58
CA ILE C 138 -2.28 -9.49 28.47
C ILE C 138 -2.78 -8.15 29.00
N GLU C 139 -1.83 -7.25 29.08
CA GLU C 139 -2.02 -5.84 29.48
C GLU C 139 -3.19 -5.21 28.72
N SER C 140 -3.03 -5.04 27.41
CA SER C 140 -3.97 -4.32 26.58
C SER C 140 -3.81 -4.92 25.19
N TRP C 141 -4.91 -5.04 24.44
CA TRP C 141 -4.85 -5.74 23.18
C TRP C 141 -4.04 -5.00 22.12
N ASP C 142 -3.55 -3.80 22.43
CA ASP C 142 -2.70 -3.09 21.48
C ASP C 142 -1.29 -3.67 21.43
N GLU C 143 -0.83 -4.24 22.54
CA GLU C 143 0.51 -4.82 22.61
C GLU C 143 0.55 -6.26 22.10
N TRP C 144 -0.57 -6.79 21.64
CA TRP C 144 -0.72 -8.21 21.38
C TRP C 144 -1.46 -8.42 20.06
N PRO C 145 -1.29 -9.58 19.43
CA PRO C 145 -2.15 -9.94 18.29
C PRO C 145 -3.60 -9.76 18.67
N ASP C 146 -4.40 -9.29 17.71
CA ASP C 146 -5.78 -8.88 17.97
C ASP C 146 -6.72 -10.07 17.86
N ILE C 147 -6.72 -10.88 18.91
CA ILE C 147 -7.64 -12.01 19.01
C ILE C 147 -8.69 -11.76 20.08
N GLU C 148 -8.81 -10.52 20.55
CA GLU C 148 -9.76 -10.18 21.60
C GLU C 148 -11.16 -10.68 21.26
N GLU C 149 -11.66 -10.29 20.10
CA GLU C 149 -12.98 -10.76 19.68
C GLU C 149 -13.00 -12.28 19.59
N ASP C 150 -11.89 -12.88 19.15
CA ASP C 150 -11.87 -14.32 18.95
C ASP C 150 -11.96 -15.06 20.28
N ILE C 151 -11.31 -14.54 21.33
CA ILE C 151 -11.40 -15.21 22.62
C ILE C 151 -12.82 -15.11 23.17
N ALA C 152 -13.46 -13.95 22.99
CA ALA C 152 -14.86 -13.82 23.36
C ALA C 152 -15.71 -14.88 22.69
N LEU C 153 -15.57 -15.04 21.37
CA LEU C 153 -16.32 -16.08 20.67
C LEU C 153 -16.02 -17.47 21.27
N ILE C 154 -14.75 -17.76 21.55
CA ILE C 154 -14.38 -19.08 22.04
C ILE C 154 -14.85 -19.30 23.48
N LYS C 155 -14.84 -18.26 24.31
CA LYS C 155 -15.31 -18.39 25.69
C LYS C 155 -16.81 -18.60 25.76
N SER C 156 -17.52 -18.28 24.68
CA SER C 156 -18.97 -18.37 24.63
C SER C 156 -19.42 -19.79 24.28
N GLU C 157 -20.73 -20.00 24.38
CA GLU C 157 -21.33 -21.29 24.06
C GLU C 157 -21.03 -21.72 22.63
N ALA C 158 -20.72 -20.78 21.75
CA ALA C 158 -20.28 -21.13 20.40
C ALA C 158 -18.95 -21.88 20.43
N GLY C 159 -18.11 -21.61 21.44
CA GLY C 159 -16.85 -22.33 21.55
C GLY C 159 -17.04 -23.83 21.53
N GLU C 160 -18.06 -24.32 22.24
CA GLU C 160 -18.30 -25.75 22.30
C GLU C 160 -18.62 -26.30 20.92
N GLU C 161 -19.52 -25.62 20.19
CA GLU C 161 -19.83 -26.05 18.83
C GLU C 161 -18.60 -26.03 17.94
N MET C 162 -17.79 -24.97 18.01
CA MET C 162 -16.67 -24.83 17.08
C MET C 162 -15.64 -25.93 17.30
N VAL C 163 -15.38 -26.27 18.56
CA VAL C 163 -14.29 -27.18 18.90
C VAL C 163 -14.81 -28.60 19.01
N LEU C 164 -15.81 -28.81 19.88
CA LEU C 164 -16.27 -30.17 20.15
C LEU C 164 -16.93 -30.79 18.93
N LYS C 165 -17.72 -30.01 18.19
CA LYS C 165 -18.35 -30.56 17.00
C LYS C 165 -17.52 -30.36 15.74
N LYS C 166 -16.93 -29.18 15.55
CA LYS C 166 -16.25 -28.87 14.30
C LYS C 166 -14.73 -29.02 14.35
N ASN C 167 -14.14 -29.29 15.53
CA ASN C 167 -12.69 -29.49 15.67
C ASN C 167 -11.91 -28.29 15.14
N PHE C 168 -12.38 -27.10 15.51
CA PHE C 168 -11.92 -25.83 14.93
C PHE C 168 -10.41 -25.63 15.06
N PHE C 169 -9.85 -26.00 16.20
CA PHE C 169 -8.41 -25.81 16.48
C PHE C 169 -7.53 -26.68 15.58
N ILE C 170 -7.90 -27.92 15.38
CA ILE C 170 -7.12 -28.84 14.56
C ILE C 170 -7.30 -28.54 13.07
N GLU C 171 -8.53 -28.26 12.63
CA GLU C 171 -8.81 -28.21 11.20
C GLU C 171 -8.61 -26.83 10.61
N ARG C 172 -8.84 -25.76 11.36
CA ARG C 172 -8.71 -24.42 10.84
C ARG C 172 -7.50 -23.66 11.39
N LEU C 173 -7.26 -23.68 12.71
CA LEU C 173 -6.18 -22.85 13.29
C LEU C 173 -4.79 -23.45 13.05
N LEU C 174 -4.61 -24.73 13.37
CA LEU C 174 -3.31 -25.36 13.15
C LEU C 174 -2.73 -25.12 11.75
N PRO C 175 -3.37 -25.56 10.66
CA PRO C 175 -2.73 -25.36 9.34
C PRO C 175 -2.66 -23.91 8.92
N SER C 176 -3.50 -23.07 9.51
CA SER C 176 -3.45 -21.64 9.23
C SER C 176 -2.18 -20.98 9.77
N SER C 177 -1.49 -21.58 10.73
CA SER C 177 -0.30 -20.94 11.26
C SER C 177 0.95 -21.79 11.03
N ILE C 178 0.96 -22.54 9.94
CA ILE C 178 2.16 -23.18 9.37
C ILE C 178 2.32 -22.67 7.94
N MET C 179 3.54 -22.24 7.57
CA MET C 179 3.77 -21.73 6.22
C MET C 179 3.66 -22.83 5.16
N ARG C 180 4.37 -23.93 5.34
CA ARG C 180 4.26 -25.04 4.41
C ARG C 180 2.91 -25.74 4.60
N LYS C 181 2.56 -26.58 3.63
CA LYS C 181 1.38 -27.44 3.76
C LYS C 181 1.83 -28.77 4.37
N LEU C 182 1.15 -29.18 5.44
CA LEU C 182 1.46 -30.46 6.05
C LEU C 182 1.10 -31.60 5.12
N SER C 183 1.91 -32.66 5.12
CA SER C 183 1.54 -33.86 4.39
C SER C 183 0.30 -34.49 5.04
N GLU C 184 -0.37 -35.36 4.27
CA GLU C 184 -1.57 -36.01 4.79
C GLU C 184 -1.28 -36.80 6.05
N GLU C 185 -0.08 -37.38 6.16
CA GLU C 185 0.22 -38.18 7.32
C GLU C 185 0.55 -37.30 8.53
N GLU C 186 1.34 -36.23 8.33
CA GLU C 186 1.59 -35.30 9.42
C GLU C 186 0.28 -34.75 9.97
N MET C 187 -0.58 -34.25 9.08
CA MET C 187 -1.85 -33.70 9.54
C MET C 187 -2.65 -34.75 10.31
N ASP C 188 -2.64 -36.01 9.85
CA ASP C 188 -3.38 -37.04 10.57
C ASP C 188 -2.78 -37.36 11.93
N ALA C 189 -1.47 -37.10 12.12
CA ALA C 189 -0.89 -37.30 13.44
C ALA C 189 -1.45 -36.32 14.45
N TYR C 190 -1.61 -35.05 14.06
CA TYR C 190 -2.23 -34.05 14.92
C TYR C 190 -3.72 -34.31 15.06
N ARG C 191 -4.31 -34.94 14.05
CA ARG C 191 -5.73 -35.28 14.11
C ARG C 191 -5.99 -36.41 15.11
N GLU C 192 -5.06 -37.37 15.22
CA GLU C 192 -5.36 -38.66 15.85
C GLU C 192 -5.99 -38.54 17.23
N PRO C 193 -5.48 -37.75 18.18
CA PRO C 193 -6.08 -37.74 19.52
C PRO C 193 -7.51 -37.20 19.54
N PHE C 194 -7.97 -36.57 18.45
CA PHE C 194 -9.22 -35.82 18.44
C PHE C 194 -10.19 -36.28 17.35
N VAL C 195 -9.99 -37.49 16.80
CA VAL C 195 -10.82 -38.00 15.72
C VAL C 195 -12.29 -38.06 16.14
N GLU C 196 -12.56 -38.56 17.35
CA GLU C 196 -13.94 -38.76 17.79
C GLU C 196 -14.56 -37.44 18.22
N PRO C 197 -15.65 -37.00 17.61
CA PRO C 197 -16.25 -35.72 18.00
C PRO C 197 -16.74 -35.76 19.44
N GLY C 198 -16.73 -34.60 20.08
CA GLY C 198 -17.14 -34.48 21.45
C GLY C 198 -16.00 -34.24 22.44
N GLU C 199 -16.10 -34.88 23.61
CA GLU C 199 -15.27 -34.52 24.74
C GLU C 199 -13.80 -34.83 24.52
N SER C 200 -13.48 -35.73 23.60
CA SER C 200 -12.06 -35.98 23.30
C SER C 200 -11.35 -34.69 22.86
N ARG C 201 -12.08 -33.76 22.25
CA ARG C 201 -11.52 -32.49 21.79
C ARG C 201 -11.51 -31.41 22.88
N ARG C 202 -12.03 -31.72 24.06
CA ARG C 202 -12.11 -30.72 25.12
C ARG C 202 -10.80 -29.99 25.45
N PRO C 203 -9.62 -30.63 25.45
CA PRO C 203 -8.41 -29.85 25.78
C PRO C 203 -8.17 -28.70 24.81
N THR C 204 -8.48 -28.90 23.54
CA THR C 204 -8.25 -27.83 22.57
C THR C 204 -9.21 -26.66 22.76
N LEU C 205 -10.25 -26.83 23.56
CA LEU C 205 -11.19 -25.75 23.85
C LEU C 205 -10.89 -25.11 25.18
N THR C 206 -10.55 -25.92 26.18
CA THR C 206 -10.31 -25.36 27.50
C THR C 206 -9.05 -24.49 27.50
N TRP C 207 -8.03 -24.88 26.73
CA TRP C 207 -6.78 -24.12 26.70
C TRP C 207 -7.00 -22.64 26.32
N PRO C 208 -7.64 -22.31 25.20
CA PRO C 208 -7.79 -20.88 24.87
C PRO C 208 -8.68 -20.15 25.87
N ARG C 209 -9.60 -20.84 26.54
CA ARG C 209 -10.38 -20.17 27.58
C ARG C 209 -9.53 -19.80 28.79
N GLU C 210 -8.37 -20.40 28.93
CA GLU C 210 -7.48 -20.06 30.04
C GLU C 210 -6.57 -18.88 29.74
N ILE C 211 -6.73 -18.23 28.59
CA ILE C 211 -5.72 -17.23 28.24
C ILE C 211 -5.74 -16.09 29.27
N PRO C 212 -4.57 -15.61 29.75
CA PRO C 212 -4.56 -14.62 30.83
C PRO C 212 -4.76 -13.18 30.39
N ILE C 213 -6.01 -12.73 30.37
CA ILE C 213 -6.35 -11.36 30.02
C ILE C 213 -6.71 -10.63 31.30
N LYS C 214 -5.89 -9.64 31.67
CA LYS C 214 -5.84 -9.01 32.99
C LYS C 214 -7.20 -8.80 33.65
N GLY C 215 -8.19 -8.34 32.89
CA GLY C 215 -9.47 -8.06 33.50
C GLY C 215 -10.58 -9.01 33.10
N ASP C 216 -10.24 -10.22 32.67
CA ASP C 216 -11.26 -11.08 32.08
C ASP C 216 -10.94 -12.57 32.24
N GLY C 217 -9.64 -12.93 32.27
CA GLY C 217 -9.24 -14.32 32.32
C GLY C 217 -9.35 -14.91 33.72
N PRO C 218 -8.97 -16.18 33.83
CA PRO C 218 -9.01 -16.86 35.13
C PRO C 218 -8.03 -16.26 36.13
N GLU C 219 -8.51 -16.07 37.36
CA GLU C 219 -7.69 -15.47 38.41
C GLU C 219 -6.53 -16.37 38.81
N ASP C 220 -6.75 -17.68 38.84
CA ASP C 220 -5.66 -18.61 39.18
C ASP C 220 -4.55 -18.54 38.13
N VAL C 221 -4.91 -18.61 36.85
CA VAL C 221 -3.91 -18.50 35.79
C VAL C 221 -3.22 -17.13 35.84
N ILE C 222 -4.01 -16.06 36.06
CA ILE C 222 -3.41 -14.73 36.06
C ILE C 222 -2.37 -14.60 37.17
N GLU C 223 -2.68 -15.14 38.36
CA GLU C 223 -1.69 -15.04 39.43
C GLU C 223 -0.50 -15.95 39.17
N ILE C 224 -0.73 -17.12 38.57
CA ILE C 224 0.39 -17.97 38.19
C ILE C 224 1.28 -17.25 37.17
N VAL C 225 0.66 -16.68 36.13
CA VAL C 225 1.44 -16.02 35.08
C VAL C 225 2.17 -14.80 35.64
N LYS C 226 1.45 -13.98 36.41
CA LYS C 226 2.07 -12.77 36.94
C LYS C 226 3.26 -13.10 37.83
N SER C 227 3.23 -14.24 38.54
CA SER C 227 4.33 -14.53 39.44
C SER C 227 5.54 -15.09 38.73
N TYR C 228 5.35 -15.94 37.71
CA TYR C 228 6.53 -16.41 36.93
C TYR C 228 7.04 -15.27 36.05
N ASN C 229 6.18 -14.30 35.72
CA ASN C 229 6.65 -13.16 34.92
C ASN C 229 7.60 -12.29 35.73
N LYS C 230 7.17 -11.90 36.95
CA LYS C 230 8.06 -11.23 37.89
C LYS C 230 9.38 -11.97 38.05
N TRP C 231 9.32 -13.27 38.35
CA TRP C 231 10.54 -14.03 38.54
C TRP C 231 11.42 -13.98 37.30
N LEU C 232 10.84 -14.28 36.13
CA LEU C 232 11.65 -14.37 34.92
C LEU C 232 12.32 -13.04 34.60
N SER C 233 11.64 -11.92 34.88
CA SER C 233 12.15 -10.61 34.50
C SER C 233 13.39 -10.20 35.29
N THR C 234 13.75 -10.92 36.35
CA THR C 234 14.97 -10.67 37.10
C THR C 234 15.90 -11.88 37.16
N SER C 235 15.61 -12.93 36.38
CA SER C 235 16.38 -14.17 36.43
C SER C 235 17.79 -13.95 35.88
N LYS C 236 18.61 -13.21 36.62
CA LYS C 236 19.92 -12.80 36.12
C LYS C 236 20.79 -14.00 35.76
N ASP C 237 20.74 -15.06 36.57
CA ASP C 237 21.63 -16.20 36.39
C ASP C 237 20.94 -17.39 35.73
N ILE C 238 19.73 -17.21 35.19
CA ILE C 238 19.08 -18.25 34.41
C ILE C 238 19.30 -17.97 32.94
N PRO C 239 20.19 -18.70 32.26
CA PRO C 239 20.34 -18.52 30.81
C PRO C 239 19.01 -18.79 30.12
N LYS C 240 18.70 -17.95 29.14
CA LYS C 240 17.41 -18.00 28.46
C LYS C 240 17.65 -17.77 26.98
N LEU C 241 16.89 -18.48 26.16
CA LEU C 241 16.98 -18.36 24.71
C LEU C 241 15.57 -18.16 24.17
N PHE C 242 15.32 -17.00 23.57
CA PHE C 242 14.05 -16.70 22.95
C PHE C 242 14.21 -16.96 21.46
N ILE C 243 13.56 -18.00 20.97
CA ILE C 243 13.54 -18.25 19.54
C ILE C 243 12.35 -17.45 19.01
N ASN C 244 12.68 -16.38 18.29
CA ASN C 244 11.71 -15.46 17.69
C ASN C 244 11.33 -15.98 16.33
N ALA C 245 10.04 -15.92 16.02
CA ALA C 245 9.52 -16.42 14.75
C ALA C 245 9.15 -15.25 13.86
N ASP C 246 9.65 -15.27 12.62
CA ASP C 246 9.35 -14.18 11.69
C ASP C 246 8.45 -14.70 10.59
N PRO C 247 7.21 -14.18 10.42
CA PRO C 247 6.64 -13.10 11.23
C PRO C 247 6.04 -13.56 12.57
N GLY C 248 5.92 -14.87 12.77
CA GLY C 248 5.39 -15.40 14.03
C GLY C 248 3.94 -15.03 14.25
N PHE C 249 3.51 -15.19 15.49
CA PHE C 249 2.18 -14.78 15.93
C PHE C 249 2.31 -13.90 17.17
N PHE C 250 2.65 -14.50 18.30
CA PHE C 250 2.93 -13.74 19.52
C PHE C 250 4.36 -13.19 19.54
N SER C 251 5.20 -13.52 18.56
CA SER C 251 6.65 -13.25 18.66
C SER C 251 6.96 -11.77 18.81
N ASN C 252 6.30 -10.92 18.01
N ASN C 252 6.30 -10.92 18.01
CA ASN C 252 6.52 -9.49 18.15
CA ASN C 252 6.51 -9.48 18.13
C ASN C 252 6.15 -9.00 19.55
C ASN C 252 6.13 -8.99 19.51
N ALA C 253 4.98 -9.42 20.03
CA ALA C 253 4.58 -9.07 21.39
C ALA C 253 5.58 -9.61 22.42
N ILE C 254 6.05 -10.84 22.24
CA ILE C 254 6.97 -11.39 23.23
C ILE C 254 8.30 -10.66 23.19
N LYS C 255 8.70 -10.19 22.01
CA LYS C 255 9.93 -9.44 21.90
C LYS C 255 9.88 -8.19 22.76
N LYS C 256 8.71 -7.55 22.85
CA LYS C 256 8.62 -6.34 23.66
C LYS C 256 8.61 -6.67 25.16
N VAL C 257 7.76 -7.62 25.57
CA VAL C 257 7.66 -8.02 26.98
C VAL C 257 9.04 -8.29 27.56
N THR C 258 9.81 -9.14 26.89
CA THR C 258 11.07 -9.66 27.40
C THR C 258 12.27 -8.80 26.98
N LYS C 259 12.04 -7.55 26.58
CA LYS C 259 13.14 -6.76 26.04
C LYS C 259 14.19 -6.45 27.11
N ASN C 260 13.75 -6.18 28.35
CA ASN C 260 14.67 -5.88 29.44
C ASN C 260 14.99 -7.10 30.29
N TRP C 261 14.53 -8.30 29.92
CA TRP C 261 14.84 -9.50 30.68
C TRP C 261 16.34 -9.77 30.65
N PRO C 262 16.96 -10.08 31.79
CA PRO C 262 18.39 -10.38 31.79
C PRO C 262 18.70 -11.78 31.30
N ASN C 263 19.89 -11.93 30.74
CA ASN C 263 20.48 -13.21 30.33
C ASN C 263 19.72 -13.89 29.19
N GLN C 264 18.99 -13.14 28.36
CA GLN C 264 18.22 -13.78 27.30
C GLN C 264 18.84 -13.50 25.93
N LYS C 265 19.21 -14.56 25.23
CA LYS C 265 19.63 -14.49 23.84
C LYS C 265 18.42 -14.69 22.93
N THR C 266 18.42 -14.01 21.78
CA THR C 266 17.35 -14.14 20.81
C THR C 266 17.93 -14.61 19.48
N VAL C 267 17.37 -15.69 18.96
CA VAL C 267 17.63 -16.14 17.60
C VAL C 267 16.30 -16.13 16.86
N THR C 268 16.34 -15.72 15.60
CA THR C 268 15.14 -15.61 14.78
C THR C 268 15.13 -16.67 13.69
N VAL C 269 13.98 -17.32 13.50
CA VAL C 269 13.78 -18.31 12.46
C VAL C 269 12.49 -17.95 11.72
N LYS C 270 12.30 -18.55 10.54
CA LYS C 270 11.09 -18.35 9.77
C LYS C 270 9.95 -19.20 10.34
N GLY C 271 8.80 -18.58 10.57
CA GLY C 271 7.61 -19.35 10.90
C GLY C 271 6.50 -18.44 11.40
N LEU C 272 5.30 -19.01 11.46
CA LEU C 272 4.19 -18.35 12.14
C LEU C 272 4.13 -18.87 13.57
N HIS C 273 2.94 -19.27 14.04
CA HIS C 273 2.85 -19.74 15.41
C HIS C 273 3.56 -21.09 15.59
N PHE C 274 3.27 -22.05 14.70
CA PHE C 274 3.85 -23.40 14.80
C PHE C 274 5.20 -23.47 14.07
N LEU C 275 6.15 -22.68 14.58
CA LEU C 275 7.43 -22.54 13.89
C LEU C 275 8.20 -23.84 13.76
N GLN C 276 7.94 -24.82 14.64
CA GLN C 276 8.63 -26.12 14.54
C GLN C 276 8.34 -26.83 13.22
N GLU C 277 7.19 -26.56 12.60
CA GLU C 277 6.91 -27.24 11.34
C GLU C 277 7.55 -26.53 10.16
N ASP C 278 8.03 -25.31 10.34
CA ASP C 278 8.65 -24.59 9.23
C ASP C 278 10.18 -24.50 9.33
N SER C 279 10.74 -24.41 10.54
CA SER C 279 12.19 -24.25 10.72
C SER C 279 12.75 -25.25 11.74
N PRO C 280 12.42 -26.54 11.61
CA PRO C 280 12.84 -27.48 12.65
C PRO C 280 14.35 -27.55 12.84
N GLU C 281 15.12 -27.58 11.75
CA GLU C 281 16.57 -27.74 11.88
C GLU C 281 17.19 -26.50 12.48
N GLU C 282 16.70 -25.32 12.10
CA GLU C 282 17.24 -24.10 12.69
C GLU C 282 16.94 -24.05 14.17
N ILE C 283 15.72 -24.41 14.56
CA ILE C 283 15.39 -24.45 15.99
C ILE C 283 16.27 -25.48 16.71
N GLY C 284 16.41 -26.67 16.11
CA GLY C 284 17.24 -27.69 16.73
C GLY C 284 18.68 -27.25 16.89
N GLU C 285 19.30 -26.79 15.79
CA GLU C 285 20.67 -26.28 15.88
C GLU C 285 20.79 -25.13 16.88
N ALA C 286 19.79 -24.24 16.93
CA ALA C 286 19.84 -23.15 17.90
C ALA C 286 19.82 -23.68 19.33
N ILE C 287 19.07 -24.75 19.58
CA ILE C 287 19.05 -25.31 20.92
C ILE C 287 20.39 -25.94 21.26
N ALA C 288 20.95 -26.71 20.32
CA ALA C 288 22.26 -27.31 20.52
C ALA C 288 23.31 -26.28 20.90
N ASP C 289 23.31 -25.12 20.24
CA ASP C 289 24.26 -24.06 20.56
C ASP C 289 24.01 -23.49 21.96
N PHE C 290 22.73 -23.29 22.32
CA PHE C 290 22.43 -22.88 23.68
C PHE C 290 22.98 -23.88 24.70
N LEU C 291 22.88 -25.18 24.39
CA LEU C 291 23.36 -26.19 25.33
C LEU C 291 24.88 -26.23 25.37
N ASN C 292 25.52 -26.19 24.19
CA ASN C 292 26.98 -26.21 24.09
C ASN C 292 27.63 -24.97 24.68
N GLU C 293 26.86 -23.92 24.95
CA GLU C 293 27.34 -22.71 25.59
C GLU C 293 27.35 -22.79 27.11
N LEU C 294 27.04 -23.96 27.67
CA LEU C 294 26.84 -24.07 29.11
C LEU C 294 27.85 -25.02 29.76
#